data_2CWO
#
_entry.id   2CWO
#
_cell.length_a   199.633
_cell.length_b   199.633
_cell.length_c   56.122
_cell.angle_alpha   90.00
_cell.angle_beta   90.00
_cell.angle_gamma   120.00
#
_symmetry.space_group_name_H-M   'P 32 2 1'
#
_entity_poly.entity_id   1
_entity_poly.type   'polypeptide(L)'
_entity_poly.pdbx_seq_one_letter_code
;MGSSHHHHHHSSGLVPRGSHMKFFLKDGETSRALSRSESLLRRVKELGTNSQQSEISECVDEFNELASFNHLLVTVEHRE
WMEQHPNQSSKLRVPSRIGEMLKEIRAFLKVRVVTPMHKETASDTLNAFLEEYCRITGLAREDALREKMRKVKSVVLFHH
SELLKFEVTENMFSYTELLKLNLSLRVISSQILGMAI
;
_entity_poly.pdbx_strand_id   A,B,C,D
#
# COMPACT_ATOMS: atom_id res chain seq x y z
N MET A 21 -12.16 -24.18 7.53
CA MET A 21 -10.70 -24.46 7.41
C MET A 21 -10.02 -24.44 8.76
N LYS A 22 -10.33 -23.43 9.57
CA LYS A 22 -9.67 -23.21 10.86
C LYS A 22 -10.44 -23.86 11.98
N PHE A 23 -9.77 -24.50 12.91
CA PHE A 23 -10.45 -25.18 13.99
C PHE A 23 -9.66 -24.95 15.26
N PHE A 24 -10.30 -25.03 16.41
CA PHE A 24 -9.61 -24.84 17.68
C PHE A 24 -9.73 -26.09 18.52
N LEU A 25 -8.76 -26.42 19.37
CA LEU A 25 -8.88 -27.64 20.20
C LEU A 25 -9.48 -27.36 21.59
N LYS A 26 -10.25 -28.32 22.11
CA LYS A 26 -11.07 -28.16 23.36
C LYS A 26 -10.07 -28.05 24.52
N ASP A 27 -10.29 -27.13 25.47
CA ASP A 27 -9.15 -26.69 26.33
C ASP A 27 -8.66 -27.65 27.38
N GLY A 28 -9.53 -28.50 27.92
CA GLY A 28 -9.02 -29.54 28.82
C GLY A 28 -8.20 -30.64 28.14
N GLU A 29 -7.35 -30.26 27.20
CA GLU A 29 -6.99 -31.19 26.11
C GLU A 29 -5.55 -31.56 25.83
N THR A 30 -4.71 -30.55 25.69
CA THR A 30 -3.27 -30.79 25.60
C THR A 30 -2.79 -31.62 26.81
N SER A 31 -3.12 -31.18 28.02
CA SER A 31 -2.67 -31.87 29.21
C SER A 31 -3.39 -33.19 29.33
N ARG A 32 -4.65 -33.24 28.97
CA ARG A 32 -5.36 -34.51 29.02
C ARG A 32 -4.59 -35.52 28.21
N ALA A 33 -3.95 -35.04 27.13
CA ALA A 33 -3.23 -35.88 26.16
C ALA A 33 -1.74 -36.08 26.52
N LEU A 34 -1.23 -35.18 27.33
CA LEU A 34 0.16 -35.20 27.68
C LEU A 34 0.26 -36.29 28.66
N SER A 35 -0.64 -36.32 29.64
CA SER A 35 -0.49 -37.37 30.66
C SER A 35 -1.12 -38.66 30.18
N ARG A 36 -1.92 -38.57 29.14
CA ARG A 36 -2.39 -39.77 28.51
C ARG A 36 -1.27 -40.57 27.79
N SER A 37 -0.35 -39.81 27.25
CA SER A 37 0.75 -40.36 26.51
C SER A 37 1.87 -40.67 27.48
N GLU A 38 1.97 -39.93 28.57
CA GLU A 38 2.98 -40.25 29.57
C GLU A 38 2.82 -41.69 30.09
N SER A 39 1.58 -42.13 30.24
CA SER A 39 1.35 -43.43 30.81
C SER A 39 1.25 -44.43 29.72
N LEU A 40 1.05 -43.99 28.49
CA LEU A 40 1.32 -44.93 27.40
C LEU A 40 2.78 -45.30 27.46
N LEU A 41 3.69 -44.32 27.48
CA LEU A 41 5.10 -44.64 27.54
C LEU A 41 5.42 -45.67 28.65
N ARG A 42 4.94 -45.41 29.86
CA ARG A 42 5.10 -46.33 30.97
C ARG A 42 4.73 -47.72 30.53
N ARG A 43 3.60 -47.83 29.87
CA ARG A 43 3.03 -49.10 29.52
C ARG A 43 3.77 -49.84 28.45
N VAL A 44 4.39 -49.10 27.55
CA VAL A 44 5.04 -49.67 26.38
C VAL A 44 6.38 -50.26 26.80
N LYS A 45 7.01 -49.66 27.81
CA LYS A 45 8.28 -50.15 28.32
C LYS A 45 8.10 -51.49 28.98
N GLU A 46 6.87 -51.87 29.32
CA GLU A 46 6.58 -53.14 29.92
C GLU A 46 6.53 -54.29 28.93
N LEU A 47 6.40 -54.02 27.64
CA LEU A 47 6.21 -55.04 26.62
C LEU A 47 7.46 -55.77 26.36
N GLY A 48 7.34 -56.99 25.89
CA GLY A 48 8.48 -57.89 25.70
C GLY A 48 7.98 -59.06 24.89
N THR A 49 8.83 -60.01 24.55
CA THR A 49 8.40 -61.07 23.63
C THR A 49 7.49 -62.10 24.30
N ASN A 50 6.27 -61.66 24.55
CA ASN A 50 5.23 -62.56 24.96
C ASN A 50 4.04 -61.79 25.50
N SER A 51 4.03 -60.48 25.33
CA SER A 51 2.78 -59.76 25.57
C SER A 51 1.92 -60.16 24.40
N GLN A 52 0.62 -60.40 24.54
CA GLN A 52 -0.15 -60.85 23.35
C GLN A 52 -0.28 -59.80 22.28
N GLN A 53 -0.48 -60.23 21.04
CA GLN A 53 -0.86 -59.31 19.97
C GLN A 53 -2.06 -58.47 20.45
N SER A 54 -2.99 -59.13 21.16
CA SER A 54 -4.15 -58.49 21.79
C SER A 54 -3.76 -57.28 22.63
N GLU A 55 -2.71 -57.40 23.42
CA GLU A 55 -2.23 -56.28 24.21
C GLU A 55 -1.64 -55.27 23.26
N ILE A 56 -0.38 -55.48 22.85
CA ILE A 56 0.33 -54.67 21.83
C ILE A 56 -0.57 -53.89 20.83
N SER A 57 -1.58 -54.57 20.27
CA SER A 57 -2.35 -53.96 19.21
C SER A 57 -3.16 -52.77 19.76
N GLU A 58 -3.61 -52.86 21.02
CA GLU A 58 -4.34 -51.72 21.60
C GLU A 58 -3.38 -50.63 22.04
N CYS A 59 -2.24 -51.11 22.42
CA CYS A 59 -1.15 -50.24 22.65
C CYS A 59 -0.83 -49.34 21.45
N VAL A 60 -0.99 -49.89 20.25
CA VAL A 60 -0.84 -49.13 19.02
C VAL A 60 -2.02 -48.15 18.88
N ASP A 61 -3.23 -48.67 19.04
CA ASP A 61 -4.41 -47.85 18.97
C ASP A 61 -4.14 -46.55 19.72
N GLU A 62 -3.72 -46.70 20.99
CA GLU A 62 -3.57 -45.54 21.85
C GLU A 62 -2.57 -44.61 21.22
N PHE A 63 -1.43 -45.21 20.84
CA PHE A 63 -0.39 -44.46 20.17
C PHE A 63 -0.93 -43.72 18.97
N ASN A 64 -1.74 -44.40 18.18
CA ASN A 64 -2.28 -43.72 17.01
C ASN A 64 -3.08 -42.49 17.25
N GLU A 65 -3.99 -42.55 18.22
CA GLU A 65 -4.77 -41.39 18.62
C GLU A 65 -3.87 -40.25 19.05
N LEU A 66 -3.00 -40.51 20.01
CA LEU A 66 -2.08 -39.49 20.45
C LEU A 66 -1.25 -38.90 19.28
N ALA A 67 -0.74 -39.72 18.39
CA ALA A 67 -0.14 -39.20 17.17
C ALA A 67 -1.05 -38.23 16.39
N SER A 68 -2.32 -38.58 16.18
CA SER A 68 -3.28 -37.65 15.58
C SER A 68 -3.37 -36.38 16.36
N PHE A 69 -3.78 -36.49 17.64
CA PHE A 69 -3.93 -35.31 18.45
C PHE A 69 -2.72 -34.41 18.30
N ASN A 70 -1.51 -34.98 18.40
CA ASN A 70 -0.31 -34.18 18.23
C ASN A 70 -0.26 -33.35 16.93
N HIS A 71 -0.67 -33.95 15.83
CA HIS A 71 -0.74 -33.25 14.56
C HIS A 71 -1.71 -32.08 14.61
N LEU A 72 -2.81 -32.22 15.34
CA LEU A 72 -3.69 -31.09 15.53
C LEU A 72 -2.94 -30.03 16.34
N LEU A 73 -2.48 -30.42 17.51
CA LEU A 73 -1.73 -29.54 18.39
C LEU A 73 -0.66 -28.76 17.65
N VAL A 74 0.22 -29.47 16.95
CA VAL A 74 1.25 -28.84 16.15
C VAL A 74 0.64 -27.76 15.27
N THR A 75 -0.34 -28.11 14.43
CA THR A 75 -0.86 -27.14 13.47
C THR A 75 -1.55 -25.97 14.14
N VAL A 76 -2.25 -26.23 15.24
CA VAL A 76 -2.83 -25.15 16.06
C VAL A 76 -1.77 -24.17 16.52
N GLU A 77 -0.75 -24.67 17.20
CA GLU A 77 0.38 -23.84 17.64
C GLU A 77 1.03 -23.00 16.52
N HIS A 78 1.34 -23.70 15.42
CA HIS A 78 1.93 -23.09 14.25
C HIS A 78 1.06 -21.95 13.71
N ARG A 79 -0.23 -22.22 13.64
CA ARG A 79 -1.24 -21.25 13.24
C ARG A 79 -1.25 -20.11 14.26
N GLU A 80 -1.34 -20.44 15.55
CA GLU A 80 -1.30 -19.44 16.62
C GLU A 80 -0.07 -18.55 16.61
N TRP A 81 1.11 -19.13 16.32
CA TRP A 81 2.32 -18.30 16.19
C TRP A 81 2.06 -17.16 15.17
N MET A 82 1.56 -17.52 13.98
CA MET A 82 1.29 -16.56 12.88
C MET A 82 0.40 -15.36 13.28
N GLU A 83 -0.25 -15.53 14.42
CA GLU A 83 -1.12 -14.53 15.01
C GLU A 83 -0.30 -13.79 16.08
N GLN A 84 0.74 -13.09 15.62
CA GLN A 84 1.65 -12.37 16.48
C GLN A 84 1.90 -10.98 15.94
N ARG A 97 6.74 -31.41 22.49
CA ARG A 97 7.12 -32.22 23.67
C ARG A 97 6.33 -33.50 23.93
N ILE A 98 5.04 -33.47 23.63
CA ILE A 98 4.28 -34.68 23.50
C ILE A 98 4.96 -35.53 22.42
N GLY A 99 5.22 -34.93 21.27
CA GLY A 99 5.78 -35.67 20.13
C GLY A 99 7.13 -36.21 20.48
N GLU A 100 7.88 -35.48 21.30
CA GLU A 100 9.10 -36.02 21.79
C GLU A 100 8.83 -37.34 22.51
N MET A 101 7.72 -37.44 23.22
CA MET A 101 7.40 -38.65 23.95
C MET A 101 6.91 -39.66 23.02
N LEU A 102 6.22 -39.22 21.99
CA LEU A 102 5.72 -40.14 20.99
C LEU A 102 6.90 -40.81 20.30
N LYS A 103 7.93 -40.01 20.05
CA LYS A 103 9.09 -40.47 19.34
C LYS A 103 9.61 -41.69 20.08
N GLU A 104 9.64 -41.62 21.40
CA GLU A 104 10.12 -42.72 22.23
C GLU A 104 9.21 -43.90 22.20
N ILE A 105 7.92 -43.68 22.48
CA ILE A 105 6.93 -44.73 22.42
C ILE A 105 7.01 -45.50 21.10
N ARG A 106 7.04 -44.80 19.98
CA ARG A 106 7.35 -45.45 18.72
C ARG A 106 8.54 -46.39 18.85
N ALA A 107 9.69 -45.87 19.29
CA ALA A 107 10.94 -46.66 19.34
C ALA A 107 10.76 -48.01 20.03
N PHE A 108 9.98 -48.02 21.13
CA PHE A 108 9.70 -49.21 21.95
C PHE A 108 8.75 -50.15 21.27
N LEU A 109 7.69 -49.60 20.73
CA LEU A 109 6.61 -50.35 20.15
C LEU A 109 6.98 -50.93 18.77
N LYS A 110 7.79 -50.17 18.02
CA LYS A 110 8.39 -50.57 16.74
C LYS A 110 8.88 -52.01 16.87
N VAL A 111 9.47 -52.32 18.00
CA VAL A 111 10.10 -53.60 18.26
C VAL A 111 9.11 -54.74 18.49
N ARG A 112 7.83 -54.47 18.68
CA ARG A 112 6.94 -55.57 19.03
C ARG A 112 5.86 -55.83 17.96
N VAL A 113 5.81 -54.96 16.95
CA VAL A 113 4.89 -55.11 15.85
C VAL A 113 5.44 -56.13 14.88
N VAL A 114 4.63 -57.16 14.55
CA VAL A 114 5.01 -58.21 13.55
C VAL A 114 4.17 -58.26 12.27
N THR A 115 4.84 -58.33 11.13
CA THR A 115 4.14 -58.51 9.88
C THR A 115 4.27 -59.97 9.51
N PRO A 116 3.56 -60.40 8.46
CA PRO A 116 3.77 -61.73 7.97
C PRO A 116 5.03 -61.85 7.10
N MET A 117 5.74 -60.76 6.84
CA MET A 117 7.05 -60.92 6.24
C MET A 117 8.18 -60.88 7.31
N HIS A 118 7.83 -61.20 8.54
CA HIS A 118 8.88 -61.31 9.55
C HIS A 118 9.43 -62.69 9.57
N LYS A 119 10.60 -62.93 9.01
CA LYS A 119 10.98 -64.35 8.90
C LYS A 119 12.26 -64.89 9.59
N GLU A 120 12.36 -66.21 9.75
CA GLU A 120 13.63 -66.62 10.27
C GLU A 120 14.84 -66.57 9.34
N THR A 121 14.68 -66.76 8.04
CA THR A 121 15.78 -66.63 7.10
C THR A 121 15.66 -65.49 6.19
N ALA A 122 16.84 -65.04 5.78
CA ALA A 122 16.96 -64.06 4.68
C ALA A 122 16.10 -64.55 3.55
N SER A 123 16.28 -65.83 3.23
CA SER A 123 15.61 -66.41 2.11
C SER A 123 14.09 -66.33 2.21
N ASP A 124 13.48 -66.76 3.34
CA ASP A 124 12.00 -66.69 3.44
C ASP A 124 11.59 -65.26 3.59
N THR A 125 12.42 -64.44 4.19
CA THR A 125 12.06 -63.04 4.19
C THR A 125 11.79 -62.55 2.76
N LEU A 126 12.63 -62.98 1.81
CA LEU A 126 12.47 -62.50 0.45
C LEU A 126 11.23 -63.09 -0.13
N ASN A 127 11.07 -64.39 -0.07
CA ASN A 127 9.77 -64.92 -0.52
C ASN A 127 8.54 -64.22 0.03
N ALA A 128 8.52 -64.01 1.35
CA ALA A 128 7.43 -63.40 2.06
C ALA A 128 7.14 -62.12 1.34
N PHE A 129 8.16 -61.28 1.17
CA PHE A 129 7.93 -60.05 0.43
C PHE A 129 7.49 -60.22 -1.02
N LEU A 130 7.98 -61.26 -1.70
CA LEU A 130 7.60 -61.50 -3.07
C LEU A 130 6.11 -61.79 -3.10
N GLU A 131 5.72 -62.79 -2.32
CA GLU A 131 4.37 -63.34 -2.35
C GLU A 131 3.37 -62.30 -1.98
N GLU A 132 3.79 -61.47 -1.05
CA GLU A 132 2.95 -60.46 -0.52
C GLU A 132 2.71 -59.35 -1.54
N TYR A 133 3.76 -59.01 -2.29
CA TYR A 133 3.70 -57.99 -3.33
C TYR A 133 2.78 -58.47 -4.44
N CYS A 134 2.89 -59.75 -4.76
CA CYS A 134 2.05 -60.32 -5.74
C CYS A 134 0.62 -60.21 -5.30
N ARG A 135 0.41 -60.40 -3.99
CA ARG A 135 -0.95 -60.40 -3.45
C ARG A 135 -1.52 -59.01 -3.57
N ILE A 136 -0.74 -58.02 -3.12
CA ILE A 136 -1.17 -56.67 -3.06
C ILE A 136 -1.38 -56.16 -4.45
N THR A 137 -0.42 -56.40 -5.36
CA THR A 137 -0.43 -55.73 -6.67
C THR A 137 -1.17 -56.55 -7.67
N GLY A 138 -1.38 -57.82 -7.37
CA GLY A 138 -2.09 -58.69 -8.30
C GLY A 138 -1.29 -59.14 -9.51
N LEU A 139 -0.03 -58.76 -9.57
CA LEU A 139 0.87 -59.18 -10.62
C LEU A 139 1.14 -60.68 -10.55
N ALA A 140 1.48 -61.24 -11.71
CA ALA A 140 2.11 -62.57 -11.78
C ALA A 140 3.47 -62.63 -11.09
N ARG A 141 3.95 -63.83 -10.75
CA ARG A 141 5.24 -63.94 -10.02
C ARG A 141 6.37 -63.51 -10.92
N GLU A 142 6.22 -63.96 -12.17
CA GLU A 142 7.26 -63.80 -13.15
C GLU A 142 7.64 -62.34 -13.26
N ASP A 143 6.64 -61.45 -13.20
CA ASP A 143 6.82 -60.01 -13.25
C ASP A 143 7.35 -59.45 -11.94
N ALA A 144 6.84 -59.98 -10.83
CA ALA A 144 7.22 -59.43 -9.53
C ALA A 144 8.66 -59.71 -9.39
N LEU A 145 9.07 -60.90 -9.84
CA LEU A 145 10.44 -61.37 -9.70
C LEU A 145 11.39 -60.42 -10.40
N ARG A 146 10.91 -59.75 -11.44
CA ARG A 146 11.75 -58.81 -12.13
C ARG A 146 11.87 -57.48 -11.43
N GLU A 147 10.94 -57.17 -10.52
CA GLU A 147 10.96 -55.91 -9.78
C GLU A 147 12.13 -55.70 -8.82
N LYS A 148 12.51 -54.45 -8.59
CA LYS A 148 13.59 -54.17 -7.67
C LYS A 148 13.06 -54.30 -6.27
N MET A 149 13.88 -54.89 -5.40
CA MET A 149 13.52 -55.12 -4.02
C MET A 149 12.91 -53.86 -3.43
N ARG A 150 13.68 -52.78 -3.47
CA ARG A 150 13.21 -51.47 -3.07
C ARG A 150 11.74 -51.12 -3.31
N LYS A 151 11.22 -51.08 -4.57
CA LYS A 151 9.74 -50.95 -4.77
C LYS A 151 9.03 -51.98 -3.92
N VAL A 152 9.37 -53.25 -4.22
CA VAL A 152 8.64 -54.35 -3.71
C VAL A 152 8.52 -54.11 -2.24
N LYS A 153 9.59 -53.66 -1.60
CA LYS A 153 9.50 -53.53 -0.14
C LYS A 153 8.61 -52.37 0.22
N SER A 154 8.82 -51.25 -0.41
CA SER A 154 8.09 -50.15 0.10
C SER A 154 6.68 -50.28 -0.39
N VAL A 155 6.44 -51.02 -1.43
CA VAL A 155 5.01 -51.29 -1.71
C VAL A 155 4.41 -52.10 -0.58
N VAL A 156 5.12 -53.14 -0.17
CA VAL A 156 4.52 -54.05 0.76
C VAL A 156 4.39 -53.38 2.12
N LEU A 157 5.36 -52.54 2.42
CA LEU A 157 5.43 -52.02 3.76
C LEU A 157 4.31 -51.05 3.88
N PHE A 158 4.20 -50.12 2.94
CA PHE A 158 3.15 -49.13 3.06
C PHE A 158 1.86 -49.87 3.32
N HIS A 159 1.65 -50.94 2.58
CA HIS A 159 0.43 -51.69 2.69
C HIS A 159 0.16 -52.15 4.08
N HIS A 160 1.01 -52.98 4.60
CA HIS A 160 0.84 -53.37 5.97
C HIS A 160 0.82 -52.23 7.03
N SER A 161 1.56 -51.16 6.79
CA SER A 161 1.49 -50.04 7.65
C SER A 161 0.05 -49.64 7.76
N GLU A 162 -0.53 -49.39 6.58
CA GLU A 162 -1.90 -48.89 6.47
C GLU A 162 -2.81 -49.79 7.24
N LEU A 163 -2.38 -51.03 7.30
CA LEU A 163 -3.23 -52.09 7.67
C LEU A 163 -3.16 -52.27 9.14
N LEU A 164 -2.01 -51.96 9.71
CA LEU A 164 -1.80 -52.14 11.16
C LEU A 164 -1.91 -50.83 11.87
N LYS A 165 -2.27 -49.79 11.12
CA LYS A 165 -2.19 -48.43 11.61
C LYS A 165 -0.91 -48.19 12.42
N PHE A 166 0.19 -48.65 11.84
CA PHE A 166 1.48 -48.40 12.41
C PHE A 166 2.44 -48.36 11.25
N GLU A 167 3.34 -47.38 11.25
CA GLU A 167 4.34 -47.28 10.22
C GLU A 167 5.28 -48.43 10.44
N VAL A 168 5.56 -49.18 9.40
CA VAL A 168 6.45 -50.32 9.50
C VAL A 168 7.56 -50.04 8.53
N THR A 169 8.76 -49.71 9.03
CA THR A 169 9.93 -49.41 8.19
C THR A 169 10.91 -50.54 8.04
N GLU A 170 11.89 -50.39 7.18
CA GLU A 170 12.81 -51.52 6.93
C GLU A 170 13.63 -51.94 8.08
N ASN A 171 13.95 -51.02 8.94
CA ASN A 171 14.83 -51.38 10.04
C ASN A 171 13.95 -51.94 11.14
N MET A 172 12.74 -52.34 10.83
CA MET A 172 12.01 -53.11 11.78
C MET A 172 12.18 -54.58 11.49
N PHE A 173 13.10 -54.94 10.60
CA PHE A 173 13.34 -56.33 10.24
C PHE A 173 14.82 -56.64 10.41
N SER A 174 15.23 -57.89 10.59
CA SER A 174 16.66 -58.08 10.77
C SER A 174 17.39 -58.10 9.47
N TYR A 175 16.68 -58.27 8.38
CA TYR A 175 17.36 -58.18 7.09
C TYR A 175 17.23 -56.84 6.38
N THR A 176 17.48 -55.76 7.13
CA THR A 176 17.22 -54.41 6.67
C THR A 176 17.98 -54.15 5.36
N GLU A 177 19.30 -54.27 5.42
CA GLU A 177 20.12 -54.06 4.25
C GLU A 177 19.68 -54.82 3.03
N LEU A 178 19.28 -56.07 3.24
CA LEU A 178 18.68 -56.86 2.20
C LEU A 178 17.48 -56.14 1.57
N LEU A 179 16.48 -55.76 2.37
CA LEU A 179 15.28 -55.06 1.90
C LEU A 179 15.60 -53.74 1.23
N LYS A 180 16.80 -53.22 1.39
CA LYS A 180 17.14 -51.97 0.77
C LYS A 180 17.74 -52.12 -0.64
N LEU A 181 18.21 -53.33 -0.99
CA LEU A 181 18.96 -53.55 -2.24
C LEU A 181 18.21 -53.09 -3.47
N ASN A 182 18.88 -52.35 -4.34
CA ASN A 182 18.27 -51.96 -5.58
C ASN A 182 18.60 -52.96 -6.68
N LEU A 183 18.02 -54.14 -6.56
CA LEU A 183 18.25 -55.26 -7.47
C LEU A 183 16.96 -56.03 -7.63
N SER A 184 16.72 -56.64 -8.79
CA SER A 184 15.47 -57.41 -8.93
C SER A 184 15.46 -58.59 -7.98
N LEU A 185 14.30 -58.97 -7.50
CA LEU A 185 14.28 -60.09 -6.58
C LEU A 185 14.98 -61.34 -7.19
N ARG A 186 14.83 -61.54 -8.51
CA ARG A 186 15.48 -62.69 -9.11
C ARG A 186 17.00 -62.63 -8.84
N VAL A 187 17.60 -61.50 -9.21
CA VAL A 187 19.02 -61.33 -9.07
C VAL A 187 19.40 -61.51 -7.61
N ILE A 188 18.61 -60.93 -6.70
CA ILE A 188 18.97 -60.96 -5.29
C ILE A 188 18.97 -62.40 -4.86
N SER A 189 17.94 -63.11 -5.32
CA SER A 189 17.74 -64.42 -4.81
C SER A 189 18.76 -65.38 -5.39
N SER A 190 19.25 -65.16 -6.59
CA SER A 190 20.17 -66.12 -7.13
C SER A 190 21.63 -65.78 -6.92
N GLN A 191 21.94 -64.49 -7.06
CA GLN A 191 23.31 -64.00 -7.09
C GLN A 191 23.79 -63.57 -5.75
N ILE A 192 22.84 -63.10 -4.94
CA ILE A 192 23.15 -62.63 -3.61
C ILE A 192 22.97 -63.71 -2.59
N LEU A 193 21.87 -64.49 -2.67
CA LEU A 193 21.79 -65.58 -1.75
C LEU A 193 21.45 -66.89 -2.27
N GLY A 194 22.13 -67.36 -3.31
CA GLY A 194 21.89 -68.70 -3.90
C GLY A 194 20.59 -69.49 -3.69
N MET A 195 19.43 -68.88 -3.94
CA MET A 195 18.16 -69.56 -3.80
C MET A 195 17.83 -70.27 -5.06
N ALA A 196 16.84 -71.17 -5.03
CA ALA A 196 16.12 -71.49 -6.29
C ALA A 196 14.94 -70.48 -6.42
N ILE A 197 14.39 -70.36 -7.65
CA ILE A 197 13.30 -69.39 -8.07
C ILE A 197 12.88 -68.17 -7.13
N MET B 21 5.52 -39.32 14.08
CA MET B 21 5.13 -38.30 13.06
C MET B 21 3.94 -38.69 12.21
N LYS B 22 3.95 -39.91 11.73
CA LYS B 22 2.91 -40.44 10.85
C LYS B 22 1.79 -41.12 11.62
N PHE B 23 0.55 -40.89 11.28
CA PHE B 23 -0.55 -41.50 12.01
C PHE B 23 -1.61 -41.91 11.04
N PHE B 24 -2.39 -42.91 11.39
CA PHE B 24 -3.44 -43.38 10.48
C PHE B 24 -4.82 -43.18 11.11
N LEU B 25 -5.87 -43.01 10.32
CA LEU B 25 -7.19 -42.82 10.93
C LEU B 25 -8.00 -44.11 10.92
N LYS B 26 -8.78 -44.31 11.98
CA LYS B 26 -9.49 -45.57 12.28
C LYS B 26 -10.51 -45.69 11.18
N ASP B 27 -10.75 -46.90 10.66
CA ASP B 27 -11.42 -46.98 9.33
C ASP B 27 -12.94 -46.70 9.26
N GLY B 28 -13.69 -47.06 10.31
CA GLY B 28 -15.11 -46.71 10.34
C GLY B 28 -15.34 -45.21 10.52
N GLU B 29 -14.57 -44.40 9.80
CA GLU B 29 -14.31 -43.05 10.29
C GLU B 29 -14.61 -41.87 9.41
N THR B 30 -14.16 -41.93 8.17
CA THR B 30 -14.50 -40.88 7.21
C THR B 30 -16.03 -40.79 7.00
N SER B 31 -16.67 -41.93 6.80
CA SER B 31 -18.09 -41.94 6.61
C SER B 31 -18.77 -41.62 7.92
N ARG B 32 -18.26 -42.15 9.04
CA ARG B 32 -18.82 -41.84 10.36
C ARG B 32 -18.92 -40.31 10.54
N ALA B 33 -17.97 -39.61 9.93
CA ALA B 33 -17.84 -38.18 10.05
C ALA B 33 -18.48 -37.45 8.88
N LEU B 34 -18.68 -38.14 7.77
CA LEU B 34 -19.39 -37.54 6.65
C LEU B 34 -20.87 -37.36 6.97
N SER B 35 -21.53 -38.42 7.43
CA SER B 35 -22.91 -38.31 7.78
C SER B 35 -23.10 -37.65 9.15
N ARG B 36 -22.04 -37.54 9.92
CA ARG B 36 -22.13 -36.81 11.17
C ARG B 36 -22.18 -35.33 10.94
N SER B 37 -21.54 -34.91 9.84
CA SER B 37 -21.54 -33.53 9.44
C SER B 37 -22.76 -33.22 8.55
N GLU B 38 -23.20 -34.20 7.77
CA GLU B 38 -24.43 -34.05 7.00
C GLU B 38 -25.59 -33.60 7.88
N SER B 39 -25.75 -34.24 9.04
CA SER B 39 -26.85 -33.85 9.90
C SER B 39 -26.52 -32.69 10.82
N LEU B 40 -25.27 -32.30 10.90
CA LEU B 40 -25.00 -30.99 11.47
C LEU B 40 -25.61 -29.96 10.55
N LEU B 41 -25.28 -30.01 9.27
CA LEU B 41 -25.77 -29.03 8.29
C LEU B 41 -27.27 -28.91 8.40
N ARG B 42 -27.95 -30.06 8.35
CA ARG B 42 -29.36 -30.11 8.58
C ARG B 42 -29.71 -29.20 9.78
N ARG B 43 -29.09 -29.49 10.91
CA ARG B 43 -29.43 -28.85 12.16
C ARG B 43 -29.15 -27.35 12.23
N VAL B 44 -28.14 -26.92 11.48
CA VAL B 44 -27.69 -25.54 11.51
C VAL B 44 -28.66 -24.65 10.74
N LYS B 45 -29.21 -25.20 9.65
CA LYS B 45 -30.23 -24.51 8.85
C LYS B 45 -31.47 -24.18 9.68
N GLU B 46 -31.63 -24.88 10.80
CA GLU B 46 -32.76 -24.70 11.69
C GLU B 46 -32.64 -23.46 12.55
N LEU B 47 -31.43 -22.98 12.75
CA LEU B 47 -31.20 -21.87 13.66
C LEU B 47 -31.79 -20.58 13.14
N GLY B 48 -32.17 -19.69 14.05
CA GLY B 48 -32.75 -18.40 13.72
C GLY B 48 -32.55 -17.54 14.94
N THR B 49 -33.01 -16.30 14.90
CA THR B 49 -32.77 -15.37 16.02
C THR B 49 -33.67 -15.67 17.21
N ASN B 50 -33.36 -16.76 17.90
CA ASN B 50 -33.97 -17.11 19.19
C ASN B 50 -33.69 -18.54 19.60
N SER B 51 -32.84 -19.26 18.87
CA SER B 51 -32.32 -20.52 19.37
C SER B 51 -31.38 -20.05 20.49
N GLN B 52 -31.28 -20.77 21.60
CA GLN B 52 -30.46 -20.28 22.74
C GLN B 52 -28.98 -20.40 22.48
N GLN B 53 -28.20 -19.55 23.15
CA GLN B 53 -26.75 -19.67 23.10
C GLN B 53 -26.34 -21.08 23.51
N SER B 54 -27.13 -21.66 24.42
CA SER B 54 -26.97 -23.06 24.84
C SER B 54 -27.09 -24.04 23.68
N GLU B 55 -28.03 -23.79 22.77
CA GLU B 55 -28.14 -24.62 21.56
C GLU B 55 -26.92 -24.34 20.65
N ILE B 56 -26.96 -23.20 19.97
CA ILE B 56 -25.86 -22.70 19.13
C ILE B 56 -24.47 -23.12 19.57
N SER B 57 -24.17 -22.99 20.85
CA SER B 57 -22.80 -23.20 21.31
C SER B 57 -22.38 -24.66 21.15
N GLU B 58 -23.29 -25.59 21.33
CA GLU B 58 -22.93 -27.00 21.13
C GLU B 58 -22.92 -27.32 19.65
N CYS B 59 -23.74 -26.60 18.93
CA CYS B 59 -23.69 -26.60 17.48
C CYS B 59 -22.31 -26.22 16.92
N VAL B 60 -21.62 -25.31 17.59
CA VAL B 60 -20.20 -25.00 17.34
C VAL B 60 -19.24 -26.16 17.73
N ASP B 61 -19.44 -26.71 18.93
CA ASP B 61 -18.62 -27.83 19.42
C ASP B 61 -18.54 -28.84 18.34
N GLU B 62 -19.71 -29.21 17.80
CA GLU B 62 -19.77 -30.25 16.81
C GLU B 62 -19.00 -29.82 15.62
N PHE B 63 -19.36 -28.66 15.10
CA PHE B 63 -18.66 -28.11 13.97
C PHE B 63 -17.16 -28.20 14.24
N ASN B 64 -16.73 -27.82 15.43
CA ASN B 64 -15.30 -27.79 15.67
C ASN B 64 -14.61 -29.10 15.52
N GLU B 65 -15.25 -30.16 16.03
CA GLU B 65 -14.69 -31.49 15.95
C GLU B 65 -14.58 -31.90 14.51
N LEU B 66 -15.67 -31.79 13.77
CA LEU B 66 -15.63 -32.09 12.35
C LEU B 66 -14.55 -31.32 11.59
N ALA B 67 -14.38 -30.05 11.93
CA ALA B 67 -13.26 -29.28 11.39
C ALA B 67 -11.90 -29.95 11.65
N SER B 68 -11.63 -30.35 12.90
CA SER B 68 -10.42 -31.10 13.26
C SER B 68 -10.28 -32.34 12.41
N PHE B 69 -11.26 -33.25 12.53
CA PHE B 69 -11.18 -34.49 11.81
C PHE B 69 -10.85 -34.23 10.36
N ASN B 70 -11.55 -33.29 9.73
CA ASN B 70 -11.22 -32.94 8.37
C ASN B 70 -9.74 -32.62 8.13
N HIS B 71 -9.10 -31.92 9.06
CA HIS B 71 -7.68 -31.59 8.91
C HIS B 71 -6.83 -32.85 8.94
N LEU B 72 -7.30 -33.83 9.72
CA LEU B 72 -6.62 -35.11 9.74
C LEU B 72 -6.81 -35.72 8.36
N LEU B 73 -8.06 -35.91 7.99
CA LEU B 73 -8.39 -36.58 6.78
C LEU B 73 -7.61 -36.01 5.60
N VAL B 74 -7.62 -34.69 5.47
CA VAL B 74 -6.86 -33.99 4.44
C VAL B 74 -5.39 -34.42 4.47
N THR B 75 -4.74 -34.33 5.64
CA THR B 75 -3.29 -34.56 5.68
C THR B 75 -3.01 -36.02 5.42
N VAL B 76 -3.93 -36.90 5.85
CA VAL B 76 -3.78 -38.34 5.57
C VAL B 76 -3.79 -38.61 4.08
N GLU B 77 -4.82 -38.12 3.41
CA GLU B 77 -4.96 -38.24 1.98
C GLU B 77 -3.75 -37.69 1.25
N HIS B 78 -3.33 -36.50 1.66
CA HIS B 78 -2.22 -35.78 1.04
C HIS B 78 -0.97 -36.61 1.12
N ARG B 79 -0.78 -37.23 2.29
CA ARG B 79 0.33 -38.15 2.60
C ARG B 79 0.22 -39.43 1.77
N GLU B 80 -0.95 -40.07 1.82
CA GLU B 80 -1.26 -41.19 0.93
C GLU B 80 -1.02 -40.97 -0.56
N TRP B 81 -1.38 -39.79 -1.10
CA TRP B 81 -1.07 -39.48 -2.49
C TRP B 81 0.43 -39.69 -2.73
N MET B 82 1.26 -39.10 -1.86
CA MET B 82 2.72 -39.18 -1.99
C MET B 82 3.26 -40.60 -2.05
N GLU B 83 2.40 -41.54 -1.69
CA GLU B 83 2.71 -42.97 -1.73
C GLU B 83 2.08 -43.55 -2.99
N GLN B 84 2.62 -43.11 -4.13
CA GLN B 84 2.18 -43.49 -5.46
C GLN B 84 3.36 -43.77 -6.37
N ARG B 97 -14.54 -32.81 0.33
CA ARG B 97 -15.99 -32.84 0.22
C ARG B 97 -16.70 -32.72 1.55
N ILE B 98 -16.12 -33.28 2.61
CA ILE B 98 -16.60 -33.00 3.94
C ILE B 98 -16.41 -31.52 4.16
N GLY B 99 -15.20 -31.04 3.83
CA GLY B 99 -14.82 -29.64 3.98
C GLY B 99 -15.70 -28.71 3.15
N GLU B 100 -16.12 -29.20 2.00
CA GLU B 100 -17.10 -28.47 1.27
C GLU B 100 -18.32 -28.24 2.14
N MET B 101 -18.75 -29.26 2.85
CA MET B 101 -19.93 -29.16 3.69
C MET B 101 -19.72 -28.24 4.88
N LEU B 102 -18.51 -28.31 5.45
CA LEU B 102 -18.13 -27.50 6.58
C LEU B 102 -18.20 -26.05 6.15
N LYS B 103 -17.70 -25.81 4.95
CA LYS B 103 -17.69 -24.49 4.38
C LYS B 103 -19.10 -23.86 4.49
N GLU B 104 -20.11 -24.65 4.15
CA GLU B 104 -21.53 -24.23 4.25
C GLU B 104 -22.00 -24.04 5.69
N ILE B 105 -21.82 -25.06 6.51
CA ILE B 105 -22.19 -24.99 7.92
C ILE B 105 -21.63 -23.70 8.52
N ARG B 106 -20.33 -23.47 8.30
CA ARG B 106 -19.70 -22.19 8.68
C ARG B 106 -20.57 -21.03 8.30
N ALA B 107 -20.83 -20.91 7.00
CA ALA B 107 -21.62 -19.79 6.50
C ALA B 107 -22.91 -19.56 7.27
N PHE B 108 -23.59 -20.65 7.65
CA PHE B 108 -24.85 -20.54 8.41
C PHE B 108 -24.64 -20.14 9.87
N LEU B 109 -23.68 -20.81 10.50
CA LEU B 109 -23.40 -20.66 11.90
C LEU B 109 -22.76 -19.30 12.22
N LYS B 110 -21.90 -18.86 11.29
CA LYS B 110 -21.25 -17.55 11.29
C LYS B 110 -22.24 -16.48 11.72
N VAL B 111 -23.47 -16.62 11.26
CA VAL B 111 -24.52 -15.62 11.43
C VAL B 111 -25.17 -15.66 12.81
N ARG B 112 -24.90 -16.68 13.61
CA ARG B 112 -25.58 -16.83 14.91
C ARG B 112 -24.65 -16.65 16.10
N VAL B 113 -23.36 -16.60 15.82
CA VAL B 113 -22.34 -16.38 16.84
C VAL B 113 -22.23 -14.90 17.14
N VAL B 114 -22.56 -14.53 18.38
CA VAL B 114 -22.53 -13.12 18.80
C VAL B 114 -21.45 -12.85 19.83
N THR B 115 -20.71 -11.78 19.61
CA THR B 115 -19.72 -11.35 20.57
C THR B 115 -20.33 -10.20 21.37
N PRO B 116 -19.63 -9.75 22.42
CA PRO B 116 -20.09 -8.56 23.12
C PRO B 116 -19.72 -7.28 22.39
N MET B 117 -19.00 -7.38 21.27
CA MET B 117 -18.77 -6.20 20.46
C MET B 117 -19.69 -6.15 19.25
N HIS B 118 -20.76 -6.94 19.30
CA HIS B 118 -21.85 -6.83 18.33
C HIS B 118 -22.80 -5.69 18.68
N LYS B 119 -22.65 -4.53 18.05
CA LYS B 119 -23.44 -3.39 18.53
C LYS B 119 -24.44 -2.76 17.54
N GLU B 120 -25.34 -1.92 18.04
CA GLU B 120 -26.25 -1.28 17.10
C GLU B 120 -25.70 -0.03 16.39
N THR B 121 -24.71 0.64 16.97
CA THR B 121 -24.06 1.74 16.27
C THR B 121 -22.63 1.46 15.93
N ALA B 122 -22.20 2.10 14.84
CA ALA B 122 -20.81 2.28 14.54
C ALA B 122 -20.08 2.72 15.79
N SER B 123 -20.58 3.79 16.39
CA SER B 123 -20.01 4.34 17.61
C SER B 123 -19.79 3.35 18.77
N ASP B 124 -20.83 2.61 19.20
CA ASP B 124 -20.66 1.64 20.31
C ASP B 124 -19.82 0.48 19.87
N THR B 125 -19.90 0.12 18.59
CA THR B 125 -19.06 -0.96 18.08
C THR B 125 -17.61 -0.61 18.40
N LEU B 126 -17.27 0.65 18.17
CA LEU B 126 -15.92 1.10 18.42
C LEU B 126 -15.56 1.03 19.90
N ASN B 127 -16.39 1.62 20.77
CA ASN B 127 -16.20 1.47 22.21
C ASN B 127 -16.03 0.03 22.69
N ALA B 128 -16.94 -0.84 22.25
CA ALA B 128 -16.89 -2.25 22.58
C ALA B 128 -15.48 -2.74 22.30
N PHE B 129 -15.01 -2.55 21.07
CA PHE B 129 -13.68 -3.00 20.73
C PHE B 129 -12.58 -2.37 21.52
N LEU B 130 -12.76 -1.11 21.90
CA LEU B 130 -11.77 -0.42 22.72
C LEU B 130 -11.72 -1.09 24.10
N GLU B 131 -12.88 -1.13 24.76
CA GLU B 131 -12.97 -1.59 26.15
C GLU B 131 -12.51 -3.00 26.26
N GLU B 132 -12.79 -3.75 25.21
CA GLU B 132 -12.48 -5.15 25.19
C GLU B 132 -11.00 -5.40 25.04
N TYR B 133 -10.36 -4.56 24.26
CA TYR B 133 -8.93 -4.63 24.04
C TYR B 133 -8.19 -4.23 25.30
N CYS B 134 -8.71 -3.20 25.99
CA CYS B 134 -8.17 -2.79 27.27
C CYS B 134 -8.26 -3.93 28.24
N ARG B 135 -9.39 -4.65 28.17
CA ARG B 135 -9.62 -5.75 29.07
C ARG B 135 -8.63 -6.86 28.81
N ILE B 136 -8.50 -7.26 27.55
CA ILE B 136 -7.60 -8.34 27.15
C ILE B 136 -6.14 -8.00 27.37
N THR B 137 -5.71 -6.83 26.95
CA THR B 137 -4.30 -6.48 27.00
C THR B 137 -3.96 -5.87 28.32
N GLY B 138 -4.97 -5.42 29.07
CA GLY B 138 -4.74 -4.74 30.35
C GLY B 138 -4.12 -3.36 30.24
N LEU B 139 -4.09 -2.82 29.02
CA LEU B 139 -3.60 -1.46 28.78
C LEU B 139 -4.58 -0.41 29.31
N ALA B 140 -4.06 0.76 29.64
CA ALA B 140 -4.90 1.92 29.96
C ALA B 140 -5.63 2.34 28.69
N ARG B 141 -6.69 3.13 28.82
CA ARG B 141 -7.48 3.59 27.67
C ARG B 141 -6.67 4.50 26.80
N GLU B 142 -5.97 5.41 27.46
CA GLU B 142 -5.22 6.44 26.78
C GLU B 142 -4.30 5.83 25.73
N ASP B 143 -3.69 4.71 26.09
CA ASP B 143 -2.79 3.99 25.21
C ASP B 143 -3.55 3.22 24.15
N ALA B 144 -4.67 2.61 24.55
CA ALA B 144 -5.46 1.82 23.63
C ALA B 144 -5.99 2.72 22.55
N LEU B 145 -6.38 3.92 22.96
CA LEU B 145 -6.91 4.91 22.05
C LEU B 145 -5.92 5.28 20.95
N ARG B 146 -4.63 5.14 21.24
CA ARG B 146 -3.59 5.45 20.27
C ARG B 146 -3.38 4.33 19.26
N GLU B 147 -3.81 3.13 19.61
CA GLU B 147 -3.64 1.97 18.73
C GLU B 147 -4.49 1.98 17.47
N LYS B 148 -3.93 1.44 16.39
CA LYS B 148 -4.65 1.35 15.13
C LYS B 148 -5.75 0.34 15.30
N MET B 149 -6.92 0.67 14.75
CA MET B 149 -8.09 -0.19 14.77
C MET B 149 -7.72 -1.62 14.41
N ARG B 150 -7.07 -1.77 13.26
CA ARG B 150 -6.58 -3.07 12.83
C ARG B 150 -6.00 -3.97 13.90
N LYS B 151 -4.94 -3.56 14.61
CA LYS B 151 -4.46 -4.37 15.75
C LYS B 151 -5.62 -4.64 16.69
N VAL B 152 -6.16 -3.56 17.23
CA VAL B 152 -7.17 -3.66 18.24
C VAL B 152 -8.21 -4.73 17.87
N LYS B 153 -8.61 -4.73 16.59
CA LYS B 153 -9.65 -5.67 16.14
C LYS B 153 -9.15 -7.09 16.06
N SER B 154 -8.04 -7.32 15.38
CA SER B 154 -7.59 -8.69 15.31
C SER B 154 -7.07 -9.17 16.67
N VAL B 155 -6.63 -8.28 17.56
CA VAL B 155 -6.34 -8.75 18.91
C VAL B 155 -7.64 -9.25 19.54
N VAL B 156 -8.67 -8.42 19.46
CA VAL B 156 -9.89 -8.72 20.18
C VAL B 156 -10.56 -9.94 19.58
N LEU B 157 -10.47 -10.06 18.27
CA LEU B 157 -11.20 -11.09 17.57
C LEU B 157 -10.61 -12.42 17.83
N PHE B 158 -9.27 -12.51 17.75
CA PHE B 158 -8.59 -13.77 18.02
C PHE B 158 -8.98 -14.21 19.38
N HIS B 159 -8.92 -13.27 20.34
CA HIS B 159 -9.33 -13.58 21.68
C HIS B 159 -10.69 -14.25 21.74
N HIS B 160 -11.72 -13.57 21.26
CA HIS B 160 -13.03 -14.16 21.32
C HIS B 160 -13.21 -15.43 20.49
N SER B 161 -12.47 -15.53 19.40
CA SER B 161 -12.47 -16.75 18.61
C SER B 161 -12.05 -17.92 19.47
N GLU B 162 -10.90 -17.75 20.12
CA GLU B 162 -10.33 -18.74 21.01
C GLU B 162 -11.35 -19.15 22.07
N LEU B 163 -12.10 -18.17 22.51
CA LEU B 163 -12.96 -18.31 23.64
C LEU B 163 -14.28 -18.99 23.25
N LEU B 164 -14.71 -18.79 22.00
CA LEU B 164 -15.97 -19.37 21.53
C LEU B 164 -15.74 -20.61 20.73
N LYS B 165 -14.47 -20.96 20.56
CA LYS B 165 -14.04 -22.04 19.68
C LYS B 165 -14.67 -21.94 18.31
N PHE B 166 -14.76 -20.71 17.81
CA PHE B 166 -15.25 -20.44 16.48
C PHE B 166 -14.47 -19.27 15.97
N GLU B 167 -14.07 -19.31 14.71
CA GLU B 167 -13.34 -18.19 14.14
C GLU B 167 -14.31 -17.05 13.94
N VAL B 168 -13.98 -15.87 14.45
CA VAL B 168 -14.87 -14.73 14.33
C VAL B 168 -14.15 -13.67 13.50
N THR B 169 -14.60 -13.45 12.27
CA THR B 169 -13.90 -12.54 11.36
C THR B 169 -14.61 -11.19 11.27
N GLU B 170 -14.00 -10.22 10.60
CA GLU B 170 -14.52 -8.84 10.59
C GLU B 170 -15.81 -8.78 9.88
N ASN B 171 -15.94 -9.59 8.84
CA ASN B 171 -17.13 -9.56 8.03
C ASN B 171 -18.21 -10.38 8.75
N MET B 172 -18.05 -10.59 10.05
CA MET B 172 -19.16 -11.12 10.85
C MET B 172 -19.89 -10.00 11.58
N PHE B 173 -19.52 -8.76 11.25
CA PHE B 173 -20.07 -7.57 11.87
C PHE B 173 -20.61 -6.66 10.77
N SER B 174 -21.59 -5.83 11.07
CA SER B 174 -22.01 -4.94 10.01
C SER B 174 -21.02 -3.83 9.76
N TYR B 175 -20.14 -3.55 10.70
CA TYR B 175 -19.17 -2.47 10.49
C TYR B 175 -17.81 -2.93 10.02
N THR B 176 -17.82 -3.90 9.10
CA THR B 176 -16.61 -4.52 8.62
C THR B 176 -15.56 -3.48 8.25
N GLU B 177 -15.89 -2.63 7.29
CA GLU B 177 -14.91 -1.70 6.79
C GLU B 177 -14.37 -0.82 7.85
N LEU B 178 -15.18 -0.50 8.84
CA LEU B 178 -14.73 0.28 9.99
C LEU B 178 -13.61 -0.43 10.72
N LEU B 179 -13.88 -1.69 11.06
CA LEU B 179 -12.93 -2.54 11.77
C LEU B 179 -11.64 -2.81 11.02
N LYS B 180 -11.59 -2.51 9.72
CA LYS B 180 -10.40 -2.70 8.94
C LYS B 180 -9.53 -1.46 8.88
N LEU B 181 -10.05 -0.29 9.25
CA LEU B 181 -9.31 0.98 9.07
C LEU B 181 -7.98 0.99 9.80
N ASN B 182 -6.95 1.44 9.12
CA ASN B 182 -5.62 1.53 9.72
C ASN B 182 -5.37 2.94 10.30
N LEU B 183 -6.10 3.26 11.35
CA LEU B 183 -6.06 4.57 11.98
C LEU B 183 -6.26 4.39 13.45
N SER B 184 -5.65 5.24 14.26
CA SER B 184 -5.87 5.08 15.69
C SER B 184 -7.35 5.21 16.03
N LEU B 185 -7.80 4.49 17.05
CA LEU B 185 -9.19 4.62 17.47
C LEU B 185 -9.56 6.07 17.74
N ARG B 186 -8.64 6.86 18.32
CA ARG B 186 -8.93 8.27 18.58
C ARG B 186 -9.28 8.97 17.28
N VAL B 187 -8.42 8.82 16.27
CA VAL B 187 -8.66 9.46 14.99
C VAL B 187 -9.98 9.00 14.36
N ILE B 188 -10.20 7.69 14.31
CA ILE B 188 -11.44 7.17 13.78
C ILE B 188 -12.59 7.82 14.49
N SER B 189 -12.54 7.80 15.81
CA SER B 189 -13.66 8.25 16.57
C SER B 189 -13.96 9.72 16.37
N SER B 190 -12.93 10.55 16.21
CA SER B 190 -13.17 12.00 16.15
C SER B 190 -13.28 12.52 14.73
N GLN B 191 -12.45 11.99 13.83
CA GLN B 191 -12.37 12.45 12.44
C GLN B 191 -13.19 11.65 11.47
N ILE B 192 -13.45 10.40 11.79
CA ILE B 192 -14.31 9.61 10.95
C ILE B 192 -15.78 9.59 11.38
N LEU B 193 -16.03 9.51 12.69
CA LEU B 193 -17.43 9.57 13.11
C LEU B 193 -17.72 10.48 14.31
N GLY B 194 -17.31 11.74 14.23
CA GLY B 194 -17.50 12.72 15.33
C GLY B 194 -17.97 12.27 16.71
N MET B 195 -17.25 11.34 17.33
CA MET B 195 -17.54 10.95 18.71
C MET B 195 -16.90 11.93 19.70
N ALA B 196 -17.29 11.84 20.97
CA ALA B 196 -16.42 12.29 22.07
C ALA B 196 -15.54 11.08 22.44
N ILE B 197 -14.46 11.36 23.18
CA ILE B 197 -13.38 10.41 23.66
C ILE B 197 -13.34 8.93 23.14
N MET C 21 9.62 32.78 -23.60
CA MET C 21 9.71 31.87 -22.42
C MET C 21 10.23 32.61 -21.20
N LYS C 22 11.24 33.45 -21.38
CA LYS C 22 11.90 34.12 -20.28
C LYS C 22 11.36 35.51 -20.05
N PHE C 23 11.12 35.85 -18.79
CA PHE C 23 10.49 37.13 -18.43
C PHE C 23 11.16 37.65 -17.18
N PHE C 24 11.10 38.96 -16.99
CA PHE C 24 11.71 39.60 -15.83
C PHE C 24 10.64 40.38 -15.10
N LEU C 25 10.82 40.63 -13.81
CA LEU C 25 9.78 41.38 -13.07
C LEU C 25 10.16 42.85 -12.91
N LYS C 26 9.14 43.73 -12.97
CA LYS C 26 9.28 45.19 -12.94
C LYS C 26 9.91 45.50 -11.60
N ASP C 27 10.92 46.37 -11.56
CA ASP C 27 11.76 46.46 -10.36
C ASP C 27 11.11 47.01 -9.07
N GLY C 28 10.26 48.04 -9.14
CA GLY C 28 9.57 48.54 -7.95
C GLY C 28 8.59 47.54 -7.37
N GLU C 29 8.98 46.27 -7.33
CA GLU C 29 7.98 45.22 -7.29
C GLU C 29 8.04 44.21 -6.16
N THR C 30 9.22 43.66 -5.88
CA THR C 30 9.35 42.67 -4.79
C THR C 30 8.95 43.29 -3.48
N SER C 31 9.47 44.48 -3.23
CA SER C 31 9.13 45.20 -2.04
C SER C 31 7.66 45.69 -2.09
N ARG C 32 7.19 46.15 -3.25
CA ARG C 32 5.79 46.60 -3.40
C ARG C 32 4.83 45.51 -2.93
N ALA C 33 5.26 44.28 -3.17
CA ALA C 33 4.53 43.07 -2.85
C ALA C 33 4.87 42.55 -1.46
N LEU C 34 6.05 42.89 -0.94
CA LEU C 34 6.42 42.42 0.40
C LEU C 34 5.61 43.16 1.46
N SER C 35 5.55 44.48 1.36
CA SER C 35 4.77 45.25 2.32
C SER C 35 3.28 45.25 1.98
N ARG C 36 2.96 44.88 0.76
CA ARG C 36 1.55 44.69 0.41
C ARG C 36 0.97 43.44 1.09
N SER C 37 1.82 42.44 1.26
CA SER C 37 1.45 41.22 1.93
C SER C 37 1.61 41.38 3.44
N GLU C 38 2.59 42.17 3.87
CA GLU C 38 2.74 42.44 5.30
C GLU C 38 1.45 42.95 5.93
N SER C 39 0.77 43.86 5.23
CA SER C 39 -0.45 44.43 5.77
C SER C 39 -1.70 43.60 5.42
N LEU C 40 -1.58 42.68 4.48
CA LEU C 40 -2.60 41.63 4.38
C LEU C 40 -2.58 40.84 5.68
N LEU C 41 -1.40 40.33 6.07
CA LEU C 41 -1.26 39.56 7.32
C LEU C 41 -1.90 40.29 8.48
N ARG C 42 -1.53 41.56 8.65
CA ARG C 42 -2.14 42.43 9.65
C ARG C 42 -3.68 42.32 9.62
N ARG C 43 -4.23 42.47 8.42
CA ARG C 43 -5.68 42.48 8.19
C ARG C 43 -6.42 41.15 8.44
N VAL C 44 -5.74 40.05 8.16
CA VAL C 44 -6.30 38.70 8.25
C VAL C 44 -6.45 38.27 9.71
N LYS C 45 -5.48 38.68 10.54
CA LYS C 45 -5.52 38.45 11.98
C LYS C 45 -6.75 39.10 12.62
N GLU C 46 -7.34 40.07 11.93
CA GLU C 46 -8.50 40.81 12.42
C GLU C 46 -9.78 40.03 12.29
N LEU C 47 -9.79 39.08 11.37
CA LEU C 47 -11.00 38.33 11.05
C LEU C 47 -11.42 37.43 12.19
N GLY C 48 -12.72 37.19 12.28
CA GLY C 48 -13.32 36.36 13.34
C GLY C 48 -14.68 35.94 12.83
N THR C 49 -15.42 35.16 13.61
CA THR C 49 -16.71 34.65 13.12
C THR C 49 -17.79 35.71 13.11
N ASN C 50 -17.71 36.61 12.13
CA ASN C 50 -18.74 37.60 11.86
C ASN C 50 -18.25 38.74 10.94
N SER C 51 -17.01 38.65 10.44
CA SER C 51 -16.58 39.50 9.32
C SER C 51 -17.39 38.94 8.15
N GLN C 52 -17.95 39.80 7.29
CA GLN C 52 -18.84 39.29 6.21
C GLN C 52 -18.07 38.51 5.19
N GLN C 53 -18.79 37.63 4.48
CA GLN C 53 -18.21 36.95 3.32
C GLN C 53 -17.68 37.97 2.32
N SER C 54 -18.37 39.12 2.23
CA SER C 54 -17.92 40.29 1.46
C SER C 54 -16.51 40.78 1.82
N GLU C 55 -16.20 40.83 3.10
CA GLU C 55 -14.87 41.16 3.58
C GLU C 55 -13.92 40.03 3.19
N ILE C 56 -13.93 38.97 3.99
CA ILE C 56 -13.19 37.72 3.73
C ILE C 56 -12.88 37.43 2.26
N SER C 57 -13.87 37.56 1.38
CA SER C 57 -13.67 37.14 0.02
C SER C 57 -12.69 38.03 -0.72
N GLU C 58 -12.67 39.33 -0.42
CA GLU C 58 -11.66 40.18 -1.04
C GLU C 58 -10.31 40.01 -0.36
N CYS C 59 -10.34 39.66 0.91
CA CYS C 59 -9.16 39.24 1.62
C CYS C 59 -8.45 38.06 0.93
N VAL C 60 -9.24 37.16 0.34
CA VAL C 60 -8.75 36.06 -0.50
C VAL C 60 -8.12 36.62 -1.77
N ASP C 61 -8.88 37.46 -2.49
CA ASP C 61 -8.41 38.09 -3.74
C ASP C 61 -6.99 38.56 -3.60
N GLU C 62 -6.77 39.38 -2.59
CA GLU C 62 -5.46 39.90 -2.28
C GLU C 62 -4.50 38.75 -2.13
N PHE C 63 -4.78 37.85 -1.19
CA PHE C 63 -3.92 36.71 -0.98
C PHE C 63 -3.62 36.02 -2.29
N ASN C 64 -4.62 35.88 -3.16
CA ASN C 64 -4.38 35.16 -4.39
C ASN C 64 -3.38 35.79 -5.30
N GLU C 65 -3.50 37.10 -5.51
CA GLU C 65 -2.52 37.83 -6.29
C GLU C 65 -1.11 37.68 -5.74
N LEU C 66 -0.93 38.01 -4.47
CA LEU C 66 0.36 37.82 -3.84
C LEU C 66 0.88 36.40 -4.02
N ALA C 67 0.01 35.42 -3.92
CA ALA C 67 0.42 34.06 -4.19
C ALA C 67 1.01 33.92 -5.59
N SER C 68 0.33 34.50 -6.59
CA SER C 68 0.81 34.53 -7.99
C SER C 68 2.15 35.18 -8.05
N PHE C 69 2.19 36.45 -7.67
CA PHE C 69 3.43 37.18 -7.74
C PHE C 69 4.56 36.32 -7.16
N ASN C 70 4.34 35.73 -5.99
CA ASN C 70 5.36 34.89 -5.39
C ASN C 70 5.88 33.81 -6.32
N HIS C 71 4.98 33.17 -7.05
CA HIS C 71 5.38 32.14 -8.00
C HIS C 71 6.27 32.69 -9.09
N LEU C 72 6.00 33.91 -9.51
CA LEU C 72 6.86 34.58 -10.45
C LEU C 72 8.22 34.78 -9.77
N LEU C 73 8.21 35.52 -8.68
CA LEU C 73 9.41 35.82 -7.92
C LEU C 73 10.29 34.58 -7.74
N VAL C 74 9.69 33.48 -7.30
CA VAL C 74 10.40 32.23 -7.08
C VAL C 74 11.12 31.80 -8.34
N THR C 75 10.37 31.68 -9.43
CA THR C 75 10.95 31.17 -10.68
C THR C 75 12.01 32.12 -11.23
N VAL C 76 11.78 33.43 -11.11
CA VAL C 76 12.79 34.43 -11.49
C VAL C 76 14.08 34.15 -10.75
N GLU C 77 14.01 34.10 -9.42
CA GLU C 77 15.18 33.85 -8.55
C GLU C 77 15.89 32.57 -8.88
N HIS C 78 15.08 31.52 -9.05
CA HIS C 78 15.57 30.21 -9.41
C HIS C 78 16.31 30.25 -10.74
N ARG C 79 15.71 30.94 -11.72
CA ARG C 79 16.33 31.18 -13.02
C ARG C 79 17.64 32.00 -12.90
N GLU C 80 17.57 33.13 -12.18
CA GLU C 80 18.72 33.96 -11.88
C GLU C 80 19.88 33.23 -11.20
N TRP C 81 19.58 32.30 -10.28
CA TRP C 81 20.66 31.49 -9.67
C TRP C 81 21.48 30.79 -10.77
N MET C 82 20.76 30.14 -11.69
CA MET C 82 21.37 29.40 -12.81
C MET C 82 22.37 30.21 -13.64
N GLU C 83 22.25 31.53 -13.51
CA GLU C 83 23.09 32.49 -14.19
C GLU C 83 24.16 32.91 -13.19
N GLN C 84 24.99 31.92 -12.85
CA GLN C 84 26.11 32.09 -11.93
C GLN C 84 27.43 31.53 -12.50
N ARG C 97 10.70 34.37 1.46
CA ARG C 97 10.33 35.08 2.67
C ARG C 97 8.95 35.72 2.61
N ILE C 98 8.58 36.19 1.42
CA ILE C 98 7.19 36.55 1.15
C ILE C 98 6.33 35.31 1.36
N GLY C 99 6.73 34.22 0.73
CA GLY C 99 6.01 32.95 0.82
C GLY C 99 5.88 32.44 2.23
N GLU C 100 6.90 32.74 3.03
CA GLU C 100 6.85 32.46 4.45
C GLU C 100 5.68 33.20 5.10
N MET C 101 5.47 34.45 4.70
CA MET C 101 4.32 35.24 5.16
C MET C 101 2.98 34.76 4.60
N LEU C 102 2.99 34.33 3.34
CA LEU C 102 1.80 33.78 2.73
C LEU C 102 1.41 32.55 3.48
N LYS C 103 2.39 31.71 3.79
CA LYS C 103 2.17 30.50 4.54
C LYS C 103 1.30 30.79 5.78
N GLU C 104 1.63 31.87 6.51
CA GLU C 104 0.88 32.32 7.68
C GLU C 104 -0.51 32.86 7.37
N ILE C 105 -0.58 33.78 6.41
CA ILE C 105 -1.88 34.30 5.97
C ILE C 105 -2.85 33.15 5.60
N ARG C 106 -2.38 32.18 4.83
CA ARG C 106 -3.13 30.98 4.54
C ARG C 106 -3.70 30.39 5.83
N ALA C 107 -2.82 30.07 6.77
CA ALA C 107 -3.23 29.46 8.05
C ALA C 107 -4.36 30.22 8.75
N PHE C 108 -4.33 31.54 8.74
CA PHE C 108 -5.40 32.35 9.34
C PHE C 108 -6.69 32.32 8.51
N LEU C 109 -6.54 32.50 7.20
CA LEU C 109 -7.63 32.64 6.26
C LEU C 109 -8.37 31.31 6.02
N LYS C 110 -7.59 30.23 5.95
CA LYS C 110 -8.08 28.87 5.91
C LYS C 110 -9.31 28.70 6.82
N VAL C 111 -9.23 29.29 8.00
CA VAL C 111 -10.23 29.13 9.06
C VAL C 111 -11.54 29.91 8.83
N ARG C 112 -11.57 30.78 7.83
CA ARG C 112 -12.74 31.65 7.64
C ARG C 112 -13.46 31.35 6.33
N VAL C 113 -12.80 30.56 5.49
CA VAL C 113 -13.38 30.12 4.24
C VAL C 113 -14.27 28.94 4.53
N VAL C 114 -15.52 29.05 4.19
CA VAL C 114 -16.45 27.95 4.42
C VAL C 114 -17.12 27.51 3.13
N THR C 115 -17.19 26.20 2.93
CA THR C 115 -17.87 25.65 1.79
C THR C 115 -19.22 25.22 2.28
N PRO C 116 -20.08 24.80 1.36
CA PRO C 116 -21.36 24.26 1.76
C PRO C 116 -21.26 22.82 2.23
N MET C 117 -20.07 22.23 2.20
CA MET C 117 -19.95 20.91 2.75
C MET C 117 -19.25 20.98 4.10
N HIS C 118 -19.31 22.14 4.72
CA HIS C 118 -18.84 22.24 6.08
C HIS C 118 -19.97 21.92 7.03
N LYS C 119 -19.98 20.73 7.62
CA LYS C 119 -21.19 20.34 8.35
C LYS C 119 -20.98 20.01 9.82
N GLU C 120 -22.07 19.91 10.59
CA GLU C 120 -21.87 19.53 11.99
C GLU C 120 -21.70 18.02 12.26
N THR C 121 -22.21 17.13 11.41
CA THR C 121 -21.92 15.68 11.54
C THR C 121 -21.13 15.09 10.42
N ALA C 122 -20.36 14.07 10.78
CA ALA C 122 -19.76 13.14 9.84
C ALA C 122 -20.80 12.79 8.79
N SER C 123 -21.97 12.36 9.25
CA SER C 123 -23.03 11.98 8.34
C SER C 123 -23.46 13.09 7.30
N ASP C 124 -23.75 14.33 7.73
CA ASP C 124 -24.15 15.38 6.78
C ASP C 124 -22.96 15.80 5.98
N THR C 125 -21.77 15.71 6.56
CA THR C 125 -20.62 15.99 5.74
C THR C 125 -20.66 15.10 4.53
N LEU C 126 -20.98 13.84 4.71
CA LEU C 126 -20.98 12.93 3.58
C LEU C 126 -22.05 13.32 2.57
N ASN C 127 -23.28 13.44 3.01
CA ASN C 127 -24.34 13.89 2.10
C ASN C 127 -23.95 15.11 1.34
N ALA C 128 -23.39 16.10 2.03
CA ALA C 128 -22.98 17.35 1.41
C ALA C 128 -22.11 17.00 0.23
N PHE C 129 -21.13 16.16 0.47
CA PHE C 129 -20.23 15.83 -0.61
C PHE C 129 -20.91 15.11 -1.71
N LEU C 130 -21.84 14.24 -1.33
CA LEU C 130 -22.56 13.45 -2.31
C LEU C 130 -23.35 14.39 -3.20
N GLU C 131 -24.22 15.19 -2.61
CA GLU C 131 -25.17 16.02 -3.35
C GLU C 131 -24.43 17.00 -4.22
N GLU C 132 -23.26 17.38 -3.73
CA GLU C 132 -22.46 18.38 -4.36
C GLU C 132 -21.75 17.79 -5.56
N TYR C 133 -21.39 16.55 -5.45
CA TYR C 133 -20.77 15.87 -6.54
C TYR C 133 -21.81 15.61 -7.60
N CYS C 134 -23.00 15.24 -7.19
CA CYS C 134 -24.05 15.08 -8.14
C CYS C 134 -24.27 16.37 -8.86
N ARG C 135 -24.19 17.48 -8.14
CA ARG C 135 -24.51 18.78 -8.70
C ARG C 135 -23.50 19.14 -9.74
N ILE C 136 -22.24 18.91 -9.42
CA ILE C 136 -21.12 19.27 -10.28
C ILE C 136 -21.04 18.36 -11.48
N THR C 137 -21.09 17.06 -11.26
CA THR C 137 -20.90 16.10 -12.33
C THR C 137 -22.18 15.88 -13.11
N GLY C 138 -23.31 16.19 -12.52
CA GLY C 138 -24.57 15.92 -13.15
C GLY C 138 -24.99 14.46 -13.17
N LEU C 139 -24.27 13.61 -12.43
CA LEU C 139 -24.59 12.20 -12.29
C LEU C 139 -25.79 11.98 -11.42
N ALA C 140 -26.53 10.89 -11.66
CA ALA C 140 -27.59 10.43 -10.74
C ALA C 140 -27.01 10.06 -9.38
N ARG C 141 -27.84 9.91 -8.36
CA ARG C 141 -27.29 9.62 -7.03
C ARG C 141 -26.78 8.20 -6.99
N GLU C 142 -27.59 7.32 -7.58
CA GLU C 142 -27.33 5.91 -7.56
C GLU C 142 -25.93 5.67 -8.03
N ASP C 143 -25.48 6.42 -9.03
CA ASP C 143 -24.12 6.32 -9.55
C ASP C 143 -23.10 6.99 -8.68
N ALA C 144 -23.48 8.08 -8.05
CA ALA C 144 -22.51 8.80 -7.27
C ALA C 144 -22.24 8.02 -6.00
N LEU C 145 -23.27 7.36 -5.52
CA LEU C 145 -23.13 6.59 -4.32
C LEU C 145 -22.11 5.44 -4.48
N ARG C 146 -21.94 4.99 -5.73
CA ARG C 146 -20.96 3.99 -6.08
C ARG C 146 -19.55 4.54 -6.10
N GLU C 147 -19.40 5.85 -6.26
CA GLU C 147 -18.07 6.42 -6.39
C GLU C 147 -17.28 6.39 -5.09
N LYS C 148 -15.96 6.26 -5.18
CA LYS C 148 -15.10 6.26 -4.00
C LYS C 148 -15.03 7.69 -3.51
N MET C 149 -15.07 7.81 -2.18
CA MET C 149 -14.99 9.07 -1.49
C MET C 149 -13.89 9.94 -2.06
N ARG C 150 -12.67 9.39 -2.07
CA ARG C 150 -11.55 10.05 -2.72
C ARG C 150 -11.76 10.85 -4.00
N LYS C 151 -12.30 10.25 -5.09
CA LYS C 151 -12.74 11.06 -6.30
C LYS C 151 -13.68 12.14 -5.84
N VAL C 152 -14.81 11.68 -5.29
CA VAL C 152 -15.91 12.57 -4.95
C VAL C 152 -15.40 13.80 -4.19
N LYS C 153 -14.46 13.58 -3.27
CA LYS C 153 -13.92 14.71 -2.49
C LYS C 153 -13.04 15.59 -3.37
N SER C 154 -12.10 15.02 -4.08
CA SER C 154 -11.27 15.90 -4.84
C SER C 154 -12.01 16.48 -6.04
N VAL C 155 -13.06 15.82 -6.50
CA VAL C 155 -13.81 16.47 -7.55
C VAL C 155 -14.48 17.71 -6.96
N VAL C 156 -15.11 17.51 -5.79
CA VAL C 156 -15.88 18.57 -5.18
C VAL C 156 -15.01 19.72 -4.70
N LEU C 157 -13.81 19.38 -4.21
CA LEU C 157 -12.93 20.36 -3.63
C LEU C 157 -12.33 21.19 -4.70
N PHE C 158 -11.86 20.57 -5.77
CA PHE C 158 -11.29 21.39 -6.84
C PHE C 158 -12.32 22.37 -7.28
N HIS C 159 -13.53 21.90 -7.46
CA HIS C 159 -14.59 22.77 -7.89
C HIS C 159 -14.72 23.99 -7.04
N HIS C 160 -14.97 23.81 -5.76
CA HIS C 160 -15.13 24.96 -4.86
C HIS C 160 -13.88 25.82 -4.71
N SER C 161 -12.71 25.21 -4.85
CA SER C 161 -11.47 25.96 -4.84
C SER C 161 -11.47 26.95 -5.96
N GLU C 162 -11.79 26.47 -7.15
CA GLU C 162 -11.86 27.26 -8.35
C GLU C 162 -12.80 28.41 -8.17
N LEU C 163 -13.85 28.13 -7.43
CA LEU C 163 -14.97 29.00 -7.30
C LEU C 163 -14.71 30.02 -6.22
N LEU C 164 -13.96 29.68 -5.19
CA LEU C 164 -13.66 30.63 -4.14
C LEU C 164 -12.35 31.33 -4.40
N LYS C 165 -11.65 30.94 -5.47
CA LYS C 165 -10.26 31.34 -5.70
C LYS C 165 -9.35 31.12 -4.47
N PHE C 166 -9.55 30.01 -3.80
CA PHE C 166 -8.76 29.61 -2.66
C PHE C 166 -8.68 28.12 -2.69
N GLU C 167 -7.53 27.56 -2.44
CA GLU C 167 -7.38 26.12 -2.48
C GLU C 167 -8.01 25.63 -1.21
N VAL C 168 -8.91 24.66 -1.33
CA VAL C 168 -9.63 24.12 -0.18
C VAL C 168 -9.27 22.65 -0.04
N THR C 169 -8.46 22.31 0.96
CA THR C 169 -7.98 20.94 1.10
C THR C 169 -8.75 20.16 2.15
N GLU C 170 -8.48 18.85 2.27
CA GLU C 170 -9.30 17.97 3.15
C GLU C 170 -9.14 18.29 4.59
N ASN C 171 -7.95 18.74 4.93
CA ASN C 171 -7.65 19.06 6.31
C ASN C 171 -8.18 20.45 6.63
N MET C 172 -9.10 20.93 5.81
CA MET C 172 -9.82 22.14 6.15
C MET C 172 -11.18 21.77 6.70
N PHE C 173 -11.38 20.48 6.95
CA PHE C 173 -12.64 19.98 7.47
C PHE C 173 -12.31 19.13 8.67
N SER C 174 -13.25 18.98 9.59
CA SER C 174 -12.93 18.20 10.78
C SER C 174 -13.01 16.72 10.47
N TYR C 175 -13.62 16.36 9.36
CA TYR C 175 -13.70 14.95 8.99
C TYR C 175 -12.70 14.54 7.96
N THR C 176 -11.47 15.03 8.13
CA THR C 176 -10.43 14.84 7.13
C THR C 176 -10.30 13.39 6.74
N GLU C 177 -10.01 12.55 7.72
CA GLU C 177 -9.78 11.15 7.47
C GLU C 177 -10.94 10.48 6.75
N LEU C 178 -12.15 10.88 7.11
CA LEU C 178 -13.34 10.43 6.44
C LEU C 178 -13.24 10.68 4.96
N LEU C 179 -12.95 11.94 4.62
CA LEU C 179 -12.84 12.43 3.22
C LEU C 179 -11.69 11.84 2.41
N LYS C 180 -10.76 11.16 3.09
CA LYS C 180 -9.68 10.49 2.42
C LYS C 180 -9.99 9.03 2.12
N LEU C 181 -11.00 8.44 2.75
CA LEU C 181 -11.26 6.98 2.61
C LEU C 181 -11.43 6.52 1.19
N ASN C 182 -10.78 5.42 0.82
CA ASN C 182 -10.95 4.91 -0.51
C ASN C 182 -12.06 3.86 -0.59
N LEU C 183 -13.29 4.26 -0.33
CA LEU C 183 -14.42 3.36 -0.35
C LEU C 183 -15.61 4.06 -0.96
N SER C 184 -16.55 3.33 -1.52
CA SER C 184 -17.70 4.01 -2.15
C SER C 184 -18.48 4.68 -1.07
N LEU C 185 -19.18 5.74 -1.41
CA LEU C 185 -19.92 6.45 -0.40
C LEU C 185 -20.92 5.50 0.24
N ARG C 186 -21.57 4.64 -0.56
CA ARG C 186 -22.53 3.72 0.03
C ARG C 186 -21.91 2.92 1.19
N VAL C 187 -20.79 2.27 0.91
CA VAL C 187 -20.11 1.46 1.90
C VAL C 187 -19.75 2.30 3.11
N ILE C 188 -19.17 3.49 2.87
CA ILE C 188 -18.79 4.38 3.98
C ILE C 188 -20.01 4.64 4.83
N SER C 189 -21.09 4.96 4.15
CA SER C 189 -22.22 5.39 4.86
C SER C 189 -22.85 4.27 5.66
N SER C 190 -22.82 3.07 5.12
CA SER C 190 -23.54 2.01 5.80
C SER C 190 -22.66 1.20 6.75
N GLN C 191 -21.42 0.99 6.33
CA GLN C 191 -20.50 0.11 7.04
C GLN C 191 -19.55 0.85 7.91
N ILE C 192 -19.28 2.08 7.55
CA ILE C 192 -18.47 2.89 8.42
C ILE C 192 -19.27 3.73 9.44
N LEU C 193 -20.37 4.37 9.03
CA LEU C 193 -21.14 5.07 10.02
C LEU C 193 -22.63 4.82 9.98
N GLY C 194 -23.07 3.57 10.06
CA GLY C 194 -24.51 3.22 10.04
C GLY C 194 -25.59 4.23 9.58
N MET C 195 -25.44 4.83 8.40
CA MET C 195 -26.47 5.70 7.82
C MET C 195 -27.55 4.92 7.10
N ALA C 196 -28.72 5.53 6.86
CA ALA C 196 -29.57 5.10 5.75
C ALA C 196 -28.99 5.81 4.47
N ILE C 197 -29.36 5.25 3.30
CA ILE C 197 -28.96 5.68 1.89
C ILE C 197 -27.78 6.72 1.69
N MET D 21 1.20 27.60 -1.97
CA MET D 21 1.76 27.05 -3.23
C MET D 21 0.82 27.21 -4.45
N LYS D 22 -0.46 26.86 -4.28
CA LYS D 22 -1.43 26.87 -5.37
C LYS D 22 -2.11 28.23 -5.45
N PHE D 23 -2.21 28.80 -6.64
CA PHE D 23 -2.90 30.07 -6.82
C PHE D 23 -3.78 30.02 -8.05
N PHE D 24 -4.82 30.86 -8.10
CA PHE D 24 -5.74 30.89 -9.24
C PHE D 24 -5.69 32.25 -9.88
N LEU D 25 -5.95 32.36 -11.18
CA LEU D 25 -5.96 33.67 -11.84
C LEU D 25 -7.38 34.22 -11.95
N LYS D 26 -7.48 35.55 -11.79
CA LYS D 26 -8.76 36.31 -11.75
C LYS D 26 -9.41 36.18 -13.13
N ASP D 27 -10.71 35.91 -13.19
CA ASP D 27 -11.26 35.38 -14.45
C ASP D 27 -11.40 36.29 -15.66
N GLY D 28 -11.63 37.59 -15.45
CA GLY D 28 -11.62 38.56 -16.57
C GLY D 28 -10.23 38.79 -17.13
N GLU D 29 -9.44 37.73 -17.24
CA GLU D 29 -8.00 37.87 -17.23
C GLU D 29 -7.24 37.37 -18.44
N THR D 30 -7.48 36.13 -18.84
CA THR D 30 -6.81 35.59 -20.01
C THR D 30 -7.12 36.39 -21.24
N SER D 31 -8.37 36.73 -21.44
CA SER D 31 -8.74 37.54 -22.59
C SER D 31 -8.28 38.97 -22.41
N ARG D 32 -8.35 39.50 -21.18
CA ARG D 32 -7.83 40.85 -20.89
C ARG D 32 -6.38 40.96 -21.37
N ALA D 33 -5.65 39.86 -21.22
CA ALA D 33 -4.25 39.76 -21.57
C ALA D 33 -4.04 39.33 -23.02
N LEU D 34 -5.04 38.72 -23.63
CA LEU D 34 -4.88 38.26 -24.99
C LEU D 34 -4.98 39.44 -25.91
N SER D 35 -5.97 40.28 -25.71
CA SER D 35 -6.09 41.43 -26.59
C SER D 35 -5.14 42.53 -26.16
N ARG D 36 -4.60 42.43 -24.94
CA ARG D 36 -3.62 43.39 -24.47
C ARG D 36 -2.30 43.18 -25.19
N SER D 37 -2.06 41.93 -25.51
CA SER D 37 -0.87 41.56 -26.20
C SER D 37 -1.12 41.66 -27.69
N GLU D 38 -2.34 41.44 -28.13
CA GLU D 38 -2.65 41.62 -29.55
C GLU D 38 -2.26 43.02 -30.04
N SER D 39 -2.55 44.04 -29.24
CA SER D 39 -2.28 45.41 -29.65
C SER D 39 -0.89 45.87 -29.27
N LEU D 40 -0.21 45.09 -28.43
CA LEU D 40 1.23 45.28 -28.31
C LEU D 40 1.91 44.91 -29.63
N LEU D 41 1.58 43.72 -30.17
CA LEU D 41 2.13 43.29 -31.46
C LEU D 41 1.90 44.35 -32.52
N ARG D 42 0.66 44.81 -32.66
CA ARG D 42 0.36 45.93 -33.56
C ARG D 42 1.38 47.04 -33.38
N ARG D 43 1.51 47.52 -32.15
CA ARG D 43 2.39 48.64 -31.82
C ARG D 43 3.87 48.40 -32.09
N VAL D 44 4.35 47.19 -31.85
CA VAL D 44 5.76 46.86 -32.02
C VAL D 44 6.15 46.86 -33.50
N LYS D 45 5.23 46.43 -34.36
CA LYS D 45 5.43 46.44 -35.81
C LYS D 45 5.68 47.85 -36.32
N GLU D 46 5.31 48.85 -35.51
CA GLU D 46 5.44 50.26 -35.85
C GLU D 46 6.84 50.80 -35.66
N LEU D 47 7.59 50.15 -34.79
CA LEU D 47 8.92 50.61 -34.45
C LEU D 47 9.86 50.55 -35.65
N GLY D 48 10.83 51.45 -35.67
CA GLY D 48 11.86 51.52 -36.72
C GLY D 48 13.02 52.29 -36.13
N THR D 49 14.09 52.48 -36.90
CA THR D 49 15.32 53.11 -36.35
C THR D 49 15.18 54.60 -36.20
N ASN D 50 14.37 54.99 -35.22
CA ASN D 50 14.20 56.37 -34.77
C ASN D 50 13.02 56.56 -33.81
N SER D 51 12.37 55.48 -33.41
CA SER D 51 11.41 55.55 -32.30
C SER D 51 12.31 55.74 -31.10
N GLN D 52 11.96 56.59 -30.14
CA GLN D 52 12.92 56.89 -29.03
C GLN D 52 13.08 55.72 -28.09
N GLN D 53 14.23 55.69 -27.41
CA GLN D 53 14.44 54.69 -26.35
C GLN D 53 13.29 54.77 -25.34
N SER D 54 12.82 56.00 -25.10
CA SER D 54 11.64 56.27 -24.29
C SER D 54 10.40 55.48 -24.74
N GLU D 55 10.17 55.42 -26.05
CA GLU D 55 9.08 54.61 -26.61
C GLU D 55 9.41 53.14 -26.37
N ILE D 56 10.28 52.58 -27.19
CA ILE D 56 10.82 51.21 -27.08
C ILE D 56 10.87 50.60 -25.66
N SER D 57 11.34 51.38 -24.69
CA SER D 57 11.57 50.81 -23.36
C SER D 57 10.27 50.50 -22.66
N GLU D 58 9.23 51.30 -22.88
CA GLU D 58 7.94 50.97 -22.28
C GLU D 58 7.25 49.87 -23.06
N CYS D 59 7.60 49.78 -24.33
CA CYS D 59 7.19 48.71 -25.17
C CYS D 59 7.67 47.37 -24.62
N VAL D 60 8.88 47.37 -24.05
CA VAL D 60 9.44 46.22 -23.34
C VAL D 60 8.72 45.94 -22.02
N ASP D 61 8.53 46.98 -21.20
CA ASP D 61 7.71 46.89 -20.00
C ASP D 61 6.46 46.04 -20.24
N GLU D 62 5.67 46.45 -21.25
CA GLU D 62 4.42 45.79 -21.58
C GLU D 62 4.70 44.35 -21.88
N PHE D 63 5.55 44.13 -22.87
CA PHE D 63 5.96 42.79 -23.22
C PHE D 63 6.30 42.02 -21.98
N ASN D 64 7.10 42.63 -21.11
CA ASN D 64 7.50 41.89 -19.94
C ASN D 64 6.35 41.38 -19.06
N GLU D 65 5.37 42.24 -18.81
CA GLU D 65 4.23 41.87 -18.01
C GLU D 65 3.48 40.71 -18.63
N LEU D 66 3.12 40.86 -19.89
CA LEU D 66 2.47 39.78 -20.64
C LEU D 66 3.29 38.50 -20.60
N ALA D 67 4.60 38.57 -20.79
CA ALA D 67 5.44 37.41 -20.57
C ALA D 67 5.19 36.76 -19.18
N SER D 68 5.11 37.58 -18.11
CA SER D 68 4.84 37.10 -16.76
C SER D 68 3.53 36.40 -16.72
N PHE D 69 2.50 37.15 -17.05
CA PHE D 69 1.17 36.59 -17.00
C PHE D 69 1.15 35.23 -17.69
N ASN D 70 1.72 35.16 -18.88
CA ASN D 70 1.75 33.92 -19.60
C ASN D 70 2.28 32.78 -18.78
N HIS D 71 3.36 33.03 -18.04
CA HIS D 71 3.97 31.99 -17.19
C HIS D 71 3.01 31.51 -16.12
N LEU D 72 2.19 32.45 -15.65
CA LEU D 72 1.13 32.10 -14.72
C LEU D 72 0.12 31.23 -15.49
N LEU D 73 -0.46 31.79 -16.53
CA LEU D 73 -1.40 31.06 -17.36
C LEU D 73 -0.97 29.62 -17.70
N VAL D 74 0.27 29.47 -18.17
CA VAL D 74 0.81 28.17 -18.52
C VAL D 74 0.71 27.24 -17.33
N THR D 75 1.28 27.65 -16.20
CA THR D 75 1.35 26.77 -15.02
C THR D 75 -0.04 26.43 -14.48
N VAL D 76 -0.95 27.41 -14.50
CA VAL D 76 -2.35 27.16 -14.13
C VAL D 76 -2.92 26.06 -15.00
N GLU D 77 -2.87 26.26 -16.32
CA GLU D 77 -3.34 25.27 -17.28
C GLU D 77 -2.75 23.89 -17.05
N HIS D 78 -1.43 23.86 -16.88
CA HIS D 78 -0.69 22.61 -16.68
C HIS D 78 -1.16 21.92 -15.41
N ARG D 79 -1.33 22.72 -14.37
CA ARG D 79 -1.87 22.27 -13.10
C ARG D 79 -3.31 21.75 -13.28
N GLU D 80 -4.18 22.56 -13.88
CA GLU D 80 -5.56 22.16 -14.22
C GLU D 80 -5.70 20.86 -15.03
N TRP D 81 -4.81 20.62 -16.00
CA TRP D 81 -4.83 19.35 -16.73
C TRP D 81 -4.74 18.19 -15.72
N MET D 82 -3.78 18.29 -14.79
CA MET D 82 -3.53 17.25 -13.79
C MET D 82 -4.77 16.90 -12.98
N GLU D 83 -5.75 17.78 -13.05
CA GLU D 83 -7.02 17.63 -12.37
C GLU D 83 -8.06 17.07 -13.37
N GLN D 84 -7.79 15.85 -13.84
CA GLN D 84 -8.61 15.17 -14.82
C GLN D 84 -8.84 13.74 -14.38
N ARG D 97 -0.94 30.09 -26.91
CA ARG D 97 -1.30 30.93 -28.04
C ARG D 97 -0.98 32.41 -27.81
N ILE D 98 -1.13 32.85 -26.57
CA ILE D 98 -0.66 34.18 -26.20
C ILE D 98 0.83 34.16 -26.42
N GLY D 99 1.46 33.09 -25.92
CA GLY D 99 2.90 32.88 -26.01
C GLY D 99 3.40 32.79 -27.44
N GLU D 100 2.57 32.22 -28.31
CA GLU D 100 2.82 32.27 -29.72
C GLU D 100 2.94 33.69 -30.23
N MET D 101 2.06 34.56 -29.74
CA MET D 101 2.13 35.97 -30.07
C MET D 101 3.32 36.66 -29.42
N LEU D 102 3.65 36.28 -28.19
CA LEU D 102 4.80 36.86 -27.53
C LEU D 102 6.04 36.52 -28.31
N LYS D 103 6.10 35.29 -28.78
CA LYS D 103 7.20 34.81 -29.60
C LYS D 103 7.48 35.79 -30.75
N GLU D 104 6.42 36.23 -31.42
CA GLU D 104 6.52 37.23 -32.48
C GLU D 104 6.94 38.62 -32.01
N ILE D 105 6.27 39.15 -30.98
CA ILE D 105 6.62 40.45 -30.43
C ILE D 105 8.12 40.49 -30.10
N ARG D 106 8.59 39.48 -29.36
CA ARG D 106 10.03 39.31 -29.12
C ARG D 106 10.83 39.51 -30.39
N ALA D 107 10.57 38.70 -31.43
CA ALA D 107 11.31 38.80 -32.68
C ALA D 107 11.40 40.24 -33.22
N PHE D 108 10.32 41.03 -33.08
CA PHE D 108 10.32 42.42 -33.58
C PHE D 108 11.12 43.37 -32.69
N LEU D 109 10.87 43.26 -31.40
CA LEU D 109 11.42 44.12 -30.38
C LEU D 109 12.89 43.85 -30.20
N LYS D 110 13.29 42.57 -30.27
CA LYS D 110 14.69 42.10 -30.28
C LYS D 110 15.59 43.06 -31.08
N VAL D 111 15.05 43.50 -32.22
CA VAL D 111 15.77 44.28 -33.22
C VAL D 111 15.94 45.75 -32.85
N ARG D 112 15.30 46.21 -31.77
CA ARG D 112 15.30 47.65 -31.41
C ARG D 112 15.93 47.90 -30.05
N VAL D 113 16.25 46.82 -29.35
CA VAL D 113 16.95 46.87 -28.08
C VAL D 113 18.46 46.96 -28.32
N VAL D 114 19.07 48.00 -27.80
CA VAL D 114 20.49 48.24 -28.01
C VAL D 114 21.22 48.30 -26.67
N THR D 115 22.37 47.66 -26.63
CA THR D 115 23.24 47.74 -25.49
C THR D 115 24.37 48.72 -25.81
N PRO D 116 25.20 49.03 -24.80
CA PRO D 116 26.34 49.87 -25.06
C PRO D 116 27.48 49.10 -25.71
N MET D 117 27.35 47.80 -25.86
CA MET D 117 28.37 47.09 -26.61
C MET D 117 27.93 46.82 -28.04
N HIS D 118 26.99 47.62 -28.53
CA HIS D 118 26.59 47.52 -29.91
C HIS D 118 27.45 48.44 -30.73
N LYS D 119 28.45 47.90 -31.41
CA LYS D 119 29.41 48.79 -32.05
C LYS D 119 29.58 48.69 -33.57
N GLU D 120 30.15 49.71 -34.17
CA GLU D 120 30.37 49.60 -35.60
C GLU D 120 31.49 48.64 -36.04
N THR D 121 32.53 48.42 -35.22
CA THR D 121 33.61 47.49 -35.57
C THR D 121 33.70 46.32 -34.67
N ALA D 122 34.08 45.20 -35.27
CA ALA D 122 34.56 44.07 -34.51
C ALA D 122 35.46 44.58 -33.38
N SER D 123 36.47 45.36 -33.72
CA SER D 123 37.39 45.89 -32.75
C SER D 123 36.74 46.61 -31.53
N ASP D 124 35.82 47.56 -31.75
CA ASP D 124 35.19 48.28 -30.61
C ASP D 124 34.22 47.40 -29.92
N THR D 125 33.61 46.48 -30.65
CA THR D 125 32.74 45.53 -30.01
C THR D 125 33.51 44.85 -28.89
N LEU D 126 34.74 44.43 -29.18
CA LEU D 126 35.54 43.73 -28.18
C LEU D 126 35.82 44.62 -27.00
N ASN D 127 36.40 45.79 -27.24
CA ASN D 127 36.59 46.74 -26.17
C ASN D 127 35.39 46.95 -25.30
N ALA D 128 34.25 47.22 -25.95
CA ALA D 128 33.03 47.47 -25.24
C ALA D 128 32.83 46.33 -24.27
N PHE D 129 32.96 45.09 -24.75
CA PHE D 129 32.73 43.93 -23.88
C PHE D 129 33.75 43.81 -22.78
N LEU D 130 34.97 44.19 -23.09
CA LEU D 130 36.03 44.18 -22.11
C LEU D 130 35.70 45.18 -21.00
N GLU D 131 35.54 46.44 -21.38
CA GLU D 131 35.38 47.52 -20.43
C GLU D 131 34.19 47.28 -19.56
N GLU D 132 33.19 46.68 -20.18
CA GLU D 132 31.93 46.45 -19.55
C GLU D 132 32.06 45.36 -18.52
N TYR D 133 32.82 44.32 -18.87
CA TYR D 133 33.07 43.23 -17.98
C TYR D 133 33.90 43.70 -16.79
N CYS D 134 34.86 44.58 -17.05
CA CYS D 134 35.62 45.20 -15.97
C CYS D 134 34.70 45.97 -15.05
N ARG D 135 33.75 46.65 -15.64
CA ARG D 135 32.82 47.47 -14.88
C ARG D 135 31.98 46.59 -14.00
N ILE D 136 31.42 45.54 -14.58
CA ILE D 136 30.53 44.64 -13.85
C ILE D 136 31.24 43.87 -12.77
N THR D 137 32.37 43.27 -13.13
CA THR D 137 33.08 42.37 -12.20
C THR D 137 34.01 43.12 -11.29
N GLY D 138 34.36 44.34 -11.68
CA GLY D 138 35.31 45.13 -10.91
C GLY D 138 36.74 44.64 -10.99
N LEU D 139 37.02 43.75 -11.96
CA LEU D 139 38.38 43.25 -12.25
C LEU D 139 39.22 44.31 -12.93
N ALA D 140 40.53 44.24 -12.71
CA ALA D 140 41.46 45.07 -13.47
C ALA D 140 41.39 44.61 -14.91
N ARG D 141 41.92 45.43 -15.83
CA ARG D 141 41.93 45.10 -17.27
C ARG D 141 42.82 43.92 -17.53
N GLU D 142 43.99 43.97 -16.91
CA GLU D 142 45.00 42.99 -17.11
C GLU D 142 44.46 41.58 -16.95
N ASP D 143 43.65 41.39 -15.92
CA ASP D 143 42.99 40.11 -15.67
C ASP D 143 41.82 39.82 -16.59
N ALA D 144 41.07 40.86 -16.93
CA ALA D 144 39.95 40.68 -17.79
C ALA D 144 40.46 40.23 -19.15
N LEU D 145 41.58 40.82 -19.55
CA LEU D 145 42.16 40.54 -20.84
C LEU D 145 42.51 39.07 -21.00
N ARG D 146 42.79 38.41 -19.87
CA ARG D 146 43.12 36.99 -19.88
C ARG D 146 41.90 36.11 -19.96
N GLU D 147 40.74 36.64 -19.60
CA GLU D 147 39.52 35.84 -19.64
C GLU D 147 39.05 35.48 -21.04
N LYS D 148 38.47 34.29 -21.17
CA LYS D 148 37.92 33.85 -22.43
C LYS D 148 36.69 34.66 -22.77
N MET D 149 36.58 35.05 -24.04
CA MET D 149 35.47 35.84 -24.57
C MET D 149 34.15 35.28 -24.08
N ARG D 150 33.96 33.98 -24.27
CA ARG D 150 32.77 33.30 -23.79
C ARG D 150 32.24 33.69 -22.41
N LYS D 151 33.01 33.51 -21.33
CA LYS D 151 32.61 34.04 -20.01
C LYS D 151 32.29 35.52 -20.17
N VAL D 152 33.30 36.30 -20.52
CA VAL D 152 33.16 37.73 -20.62
C VAL D 152 31.84 38.08 -21.28
N LYS D 153 31.52 37.39 -22.37
CA LYS D 153 30.30 37.75 -23.09
C LYS D 153 29.09 37.37 -22.29
N SER D 154 29.00 36.12 -21.85
CA SER D 154 27.77 35.77 -21.14
C SER D 154 27.68 36.46 -19.75
N VAL D 155 28.81 36.85 -19.15
CA VAL D 155 28.72 37.67 -17.93
C VAL D 155 28.07 39.01 -18.29
N VAL D 156 28.58 39.66 -19.33
CA VAL D 156 28.11 40.98 -19.69
C VAL D 156 26.68 40.95 -20.18
N LEU D 157 26.31 39.90 -20.89
CA LEU D 157 24.99 39.86 -21.48
C LEU D 157 23.96 39.64 -20.42
N PHE D 158 24.17 38.68 -19.52
CA PHE D 158 23.21 38.43 -18.44
C PHE D 158 23.00 39.71 -17.69
N HIS D 159 24.09 40.41 -17.38
CA HIS D 159 23.96 41.67 -16.71
C HIS D 159 22.96 42.60 -17.41
N HIS D 160 23.24 42.94 -18.68
CA HIS D 160 22.37 43.88 -19.41
C HIS D 160 20.97 43.35 -19.66
N SER D 161 20.84 42.03 -19.80
CA SER D 161 19.54 41.42 -19.88
C SER D 161 18.76 41.79 -18.63
N GLU D 162 19.36 41.54 -17.48
CA GLU D 162 18.74 41.81 -16.21
C GLU D 162 18.33 43.25 -16.12
N LEU D 163 19.15 44.08 -16.71
CA LEU D 163 19.05 45.50 -16.57
C LEU D 163 18.06 46.10 -17.56
N LEU D 164 17.86 45.45 -18.70
CA LEU D 164 16.87 45.93 -19.67
C LEU D 164 15.56 45.17 -19.58
N LYS D 165 15.54 44.17 -18.70
CA LYS D 165 14.45 43.22 -18.61
C LYS D 165 14.09 42.65 -19.99
N PHE D 166 15.13 42.31 -20.75
CA PHE D 166 14.95 41.65 -22.01
C PHE D 166 16.12 40.74 -22.15
N GLU D 167 15.91 39.53 -22.61
CA GLU D 167 17.03 38.63 -22.81
C GLU D 167 17.82 39.12 -24.01
N VAL D 168 19.12 39.33 -23.85
CA VAL D 168 19.92 39.81 -24.96
C VAL D 168 20.92 38.75 -25.30
N THR D 169 20.78 38.15 -26.49
CA THR D 169 21.63 37.02 -26.89
C THR D 169 22.72 37.42 -27.85
N GLU D 170 23.68 36.52 -28.10
CA GLU D 170 24.83 36.83 -28.91
C GLU D 170 24.42 37.15 -30.31
N ASN D 171 23.40 36.46 -30.81
CA ASN D 171 22.97 36.67 -32.17
C ASN D 171 22.09 37.92 -32.26
N MET D 172 22.22 38.81 -31.30
CA MET D 172 21.61 40.12 -31.41
C MET D 172 22.66 41.15 -31.80
N PHE D 173 23.87 40.67 -32.09
CA PHE D 173 25.03 41.49 -32.45
C PHE D 173 25.54 41.03 -33.79
N SER D 174 26.18 41.90 -34.55
CA SER D 174 26.63 41.42 -35.86
C SER D 174 27.90 40.58 -35.73
N TYR D 175 28.54 40.66 -34.59
CA TYR D 175 29.75 39.89 -34.43
C TYR D 175 29.54 38.64 -33.62
N THR D 176 28.44 37.95 -33.89
CA THR D 176 28.04 36.80 -33.06
C THR D 176 29.21 35.86 -32.87
N GLU D 177 29.74 35.35 -33.97
CA GLU D 177 30.78 34.35 -33.92
C GLU D 177 31.97 34.77 -33.12
N LEU D 178 32.33 36.05 -33.22
CA LEU D 178 33.39 36.63 -32.43
C LEU D 178 33.09 36.46 -30.94
N LEU D 179 31.90 36.88 -30.53
CA LEU D 179 31.45 36.76 -29.11
C LEU D 179 31.38 35.34 -28.59
N LYS D 180 31.41 34.37 -29.50
CA LYS D 180 31.36 32.96 -29.14
C LYS D 180 32.75 32.31 -28.94
N LEU D 181 33.79 32.95 -29.49
CA LEU D 181 35.15 32.39 -29.44
C LEU D 181 35.62 32.02 -28.04
N ASN D 182 36.11 30.80 -27.90
CA ASN D 182 36.69 30.38 -26.64
C ASN D 182 38.19 30.68 -26.54
N LEU D 183 38.54 31.97 -26.51
CA LEU D 183 39.92 32.44 -26.48
C LEU D 183 40.02 33.68 -25.60
N SER D 184 41.14 33.88 -24.92
CA SER D 184 41.25 35.08 -24.09
C SER D 184 41.09 36.32 -24.96
N LEU D 185 40.60 37.40 -24.36
CA LEU D 185 40.40 38.62 -25.14
C LEU D 185 41.72 39.10 -25.72
N ARG D 186 42.81 38.94 -24.98
CA ARG D 186 44.10 39.35 -25.52
C ARG D 186 44.46 38.61 -26.81
N VAL D 187 44.33 37.29 -26.79
CA VAL D 187 44.62 36.49 -27.97
C VAL D 187 43.72 36.91 -29.11
N ILE D 188 42.40 37.00 -28.87
CA ILE D 188 41.46 37.39 -29.92
C ILE D 188 41.86 38.71 -30.55
N SER D 189 42.18 39.67 -29.70
CA SER D 189 42.43 41.00 -30.16
C SER D 189 43.71 41.07 -30.94
N SER D 190 44.70 40.27 -30.58
CA SER D 190 46.01 40.36 -31.24
C SER D 190 46.19 39.39 -32.40
N GLN D 191 45.78 38.15 -32.21
CA GLN D 191 45.97 37.10 -33.21
C GLN D 191 44.79 36.94 -34.13
N ILE D 192 43.61 37.36 -33.71
CA ILE D 192 42.45 37.23 -34.56
C ILE D 192 42.17 38.52 -35.30
N LEU D 193 42.28 39.65 -34.64
CA LEU D 193 42.05 40.91 -35.38
C LEU D 193 43.07 42.05 -35.22
N GLY D 194 44.35 41.73 -35.28
CA GLY D 194 45.40 42.72 -35.19
C GLY D 194 45.13 44.04 -34.50
N MET D 195 44.56 44.02 -33.29
CA MET D 195 44.49 45.20 -32.39
C MET D 195 45.77 45.48 -31.59
N ALA D 196 45.87 46.70 -31.07
CA ALA D 196 46.77 46.94 -29.94
C ALA D 196 45.91 46.64 -28.68
N ILE D 197 46.59 46.48 -27.53
CA ILE D 197 46.06 46.12 -26.17
C ILE D 197 44.54 45.70 -26.01
#